data_8VTE
#
_entry.id   8VTE
#
_cell.length_a   213.689
_cell.length_b   213.689
_cell.length_c   66.428
_cell.angle_alpha   90
_cell.angle_beta   90
_cell.angle_gamma   90
#
_symmetry.space_group_name_H-M   'I 4'
#
loop_
_entity.id
_entity.type
_entity.pdbx_description
1 polymer 'Tiragolumab antibody light chain variable domains'
2 polymer 'Tiragolumab antibody heavy chain variable domains'
3 polymer 'T-cell immunoreceptor with Ig and ITIM domains'
4 water water
#
loop_
_entity_poly.entity_id
_entity_poly.type
_entity_poly.pdbx_seq_one_letter_code
_entity_poly.pdbx_strand_id
1 'polypeptide(L)'
;DIVMTQSPDSLAVSLGERATINCKSSQTVLYSSNNKKYLAWYQQKPGQPPNLLIYWASTRESGVPDRFSGSGSGTDFTLT
ISSLQAEDVAVYYCQQYYSTPFTFGPGTKVEIKRTVAAPSVFIFPPSDEQLKSGTASVVCLLNNFYPREAKVQWKVDNAL
QSGNSQESVTEQDSKDSTYSLSSTLTLSKADYEKHKVYACEVTHQGLSSPVTKSFNRGEC
;
A,C
2 'polypeptide(L)'
;EVQLQQSGPGLVKPSQTLSLTCAISGDSVSSNSAAWNWIRQSPSRGLEWLGKTYYRFKWYSDYAVSVKGRITINPDTSKN
QFSLQLNSVTPEDTAVFYCTRESTTYDLLAGPFDYWGQGTLVTVSSASTKGPSVFPLAPSSKSTSGGTAALGCLVKDYFP
EPVTVSWNSGALTSGVHTFPAVLQSSGLYSLSSVVTVPSSSLGTQTYICNVNHKPSNTKVDKKVEPKSCD
;
B,D
3 'polypeptide(L)'
;MMTGTIETTGNISAEKGGSIILQCHLSSTTAQVTQVNWEQQDQLLAICNADLGWHISPSFKDRVAPGPGLGLTLQSLTVN
DTGEYFCIYHTYPDGTYTGRIFLEVLESSVAEHGARHHHHHH
;
E,F
#
# COMPACT_ATOMS: atom_id res chain seq x y z
N ASP A 1 -16.25 -2.37 -7.38
CA ASP A 1 -15.29 -3.15 -8.17
C ASP A 1 -15.24 -4.60 -7.68
N ILE A 2 -14.83 -5.53 -8.55
CA ILE A 2 -14.71 -6.94 -8.18
C ILE A 2 -13.41 -7.10 -7.39
N VAL A 3 -13.50 -7.55 -6.13
CA VAL A 3 -12.31 -7.78 -5.31
C VAL A 3 -11.90 -9.24 -5.49
N MET A 4 -10.61 -9.47 -5.80
CA MET A 4 -10.06 -10.81 -5.97
C MET A 4 -9.24 -11.15 -4.71
N THR A 5 -9.44 -12.35 -4.15
CA THR A 5 -8.75 -12.84 -2.95
C THR A 5 -8.10 -14.21 -3.27
N GLN A 6 -6.99 -14.56 -2.59
CA GLN A 6 -6.31 -15.84 -2.77
C GLN A 6 -6.09 -16.46 -1.39
N SER A 7 -6.62 -17.68 -1.17
CA SER A 7 -6.62 -18.31 0.16
C SER A 7 -5.22 -18.60 0.72
N PRO A 8 -4.28 -19.32 0.03
CA PRO A 8 -2.94 -19.50 0.64
C PRO A 8 -2.00 -18.32 0.34
N ASP A 9 -1.48 -17.64 1.36
CA ASP A 9 -0.54 -16.52 1.14
C ASP A 9 0.76 -17.07 0.52
N SER A 10 1.25 -18.19 1.07
CA SER A 10 2.44 -18.90 0.61
C SER A 10 2.19 -20.40 0.71
N LEU A 11 2.91 -21.18 -0.12
CA LEU A 11 2.77 -22.63 -0.17
C LEU A 11 4.15 -23.25 -0.41
N ALA A 12 4.58 -24.18 0.45
CA ALA A 12 5.86 -24.88 0.29
C ALA A 12 5.56 -26.35 -0.01
N VAL A 13 5.97 -26.84 -1.18
CA VAL A 13 5.71 -28.20 -1.64
C VAL A 13 7.01 -28.88 -2.07
N SER A 14 7.18 -30.18 -1.80
CA SER A 14 8.38 -30.90 -2.23
C SER A 14 8.46 -31.01 -3.76
N LEU A 15 9.67 -31.17 -4.30
CA LEU A 15 9.90 -31.29 -5.73
C LEU A 15 9.15 -32.52 -6.29
N GLY A 16 8.30 -32.28 -7.28
CA GLY A 16 7.52 -33.33 -7.93
C GLY A 16 6.12 -33.53 -7.36
N GLU A 17 5.79 -32.86 -6.23
CA GLU A 17 4.48 -33.00 -5.60
C GLU A 17 3.48 -31.91 -6.06
N ARG A 18 2.18 -32.18 -5.88
CA ARG A 18 1.10 -31.29 -6.29
C ARG A 18 1.00 -30.00 -5.46
N ALA A 19 0.70 -28.88 -6.14
CA ALA A 19 0.49 -27.58 -5.52
C ALA A 19 -0.80 -26.99 -6.07
N THR A 20 -1.83 -26.79 -5.23
CA THR A 20 -3.10 -26.19 -5.65
C THR A 20 -3.28 -24.89 -4.90
N ILE A 21 -3.51 -23.79 -5.61
CA ILE A 21 -3.72 -22.48 -5.02
C ILE A 21 -5.15 -22.01 -5.38
N ASN A 22 -5.81 -21.34 -4.44
CA ASN A 22 -7.21 -20.93 -4.60
C ASN A 22 -7.35 -19.45 -4.87
N CYS A 23 -8.43 -19.09 -5.58
CA CYS A 23 -8.76 -17.70 -5.92
C CYS A 23 -10.28 -17.54 -5.82
N LYS A 24 -10.71 -16.34 -5.47
CA LYS A 24 -12.14 -16.03 -5.32
C LYS A 24 -12.42 -14.60 -5.74
N SER A 25 -13.51 -14.40 -6.48
CA SER A 25 -14.00 -13.09 -6.88
C SER A 25 -15.23 -12.75 -6.02
N SER A 26 -15.44 -11.46 -5.73
CA SER A 26 -16.59 -11.03 -4.92
C SER A 26 -17.94 -11.18 -5.67
N GLN A 27 -17.91 -11.23 -7.02
CA GLN A 27 -19.07 -11.43 -7.89
C GLN A 27 -18.74 -12.54 -8.92
N THR A 28 -19.77 -13.12 -9.57
CA THR A 28 -19.54 -14.15 -10.58
C THR A 28 -18.93 -13.51 -11.84
N VAL A 29 -17.82 -14.07 -12.33
CA VAL A 29 -17.21 -13.61 -13.58
C VAL A 29 -17.68 -14.49 -14.79
N LEU A 30 -18.73 -15.32 -14.60
CA LEU A 30 -19.30 -16.17 -15.64
C LEU A 30 -20.37 -15.34 -16.38
N TYR A 31 -20.16 -15.11 -17.69
CA TYR A 31 -21.09 -14.38 -18.55
C TYR A 31 -21.98 -15.43 -19.21
N SER A 32 -23.30 -15.35 -19.00
CA SER A 32 -24.24 -16.34 -19.50
C SER A 32 -24.27 -16.51 -21.02
N SER A 33 -24.29 -15.40 -21.79
CA SER A 33 -24.46 -15.46 -23.25
C SER A 33 -23.46 -16.37 -23.98
N ASN A 34 -22.20 -16.44 -23.50
CA ASN A 34 -21.15 -17.26 -24.11
C ASN A 34 -20.60 -18.36 -23.16
N ASN A 35 -21.15 -18.47 -21.93
CA ASN A 35 -20.74 -19.43 -20.89
C ASN A 35 -19.24 -19.39 -20.63
N LYS A 36 -18.65 -18.17 -20.54
CA LYS A 36 -17.23 -18.00 -20.30
C LYS A 36 -16.97 -17.33 -18.96
N LYS A 37 -15.89 -17.74 -18.29
CA LYS A 37 -15.44 -17.21 -17.02
C LYS A 37 -14.31 -16.29 -17.33
N TYR A 38 -14.47 -14.99 -17.04
CA TYR A 38 -13.46 -14.00 -17.37
C TYR A 38 -12.39 -13.97 -16.27
N LEU A 39 -11.62 -15.08 -16.15
CA LEU A 39 -10.57 -15.20 -15.15
C LEU A 39 -9.27 -15.68 -15.77
N ALA A 40 -8.16 -15.06 -15.37
CA ALA A 40 -6.83 -15.39 -15.82
C ALA A 40 -5.87 -15.66 -14.65
N TRP A 41 -4.84 -16.47 -14.91
CA TRP A 41 -3.78 -16.79 -13.96
C TRP A 41 -2.46 -16.31 -14.56
N TYR A 42 -1.59 -15.74 -13.73
CA TYR A 42 -0.28 -15.25 -14.14
C TYR A 42 0.78 -15.82 -13.22
N GLN A 43 2.00 -16.01 -13.75
CA GLN A 43 3.16 -16.45 -13.00
C GLN A 43 4.14 -15.30 -13.08
N GLN A 44 4.71 -14.87 -11.95
CA GLN A 44 5.71 -13.81 -11.98
C GLN A 44 6.94 -14.28 -11.24
N LYS A 45 8.03 -14.53 -11.99
CA LYS A 45 9.30 -14.95 -11.39
C LYS A 45 10.04 -13.67 -10.93
N PRO A 46 10.92 -13.74 -9.91
CA PRO A 46 11.60 -12.50 -9.46
C PRO A 46 12.30 -11.69 -10.55
N GLY A 47 12.05 -10.38 -10.57
CA GLY A 47 12.69 -9.44 -11.48
C GLY A 47 12.21 -9.44 -12.92
N GLN A 48 11.08 -10.10 -13.23
CA GLN A 48 10.58 -10.16 -14.60
C GLN A 48 9.05 -9.97 -14.64
N PRO A 49 8.41 -9.59 -15.79
CA PRO A 49 6.96 -9.35 -15.77
C PRO A 49 6.10 -10.60 -15.58
N PRO A 50 4.79 -10.49 -15.26
CA PRO A 50 3.97 -11.71 -15.18
C PRO A 50 3.77 -12.35 -16.57
N ASN A 51 3.65 -13.69 -16.62
CA ASN A 51 3.43 -14.48 -17.83
C ASN A 51 2.02 -15.06 -17.75
N LEU A 52 1.23 -14.98 -18.82
CA LEU A 52 -0.12 -15.55 -18.81
C LEU A 52 -0.03 -17.07 -18.80
N LEU A 53 -0.70 -17.75 -17.86
CA LEU A 53 -0.72 -19.21 -17.78
C LEU A 53 -2.05 -19.74 -18.31
N ILE A 54 -3.17 -19.25 -17.73
CA ILE A 54 -4.52 -19.70 -18.03
C ILE A 54 -5.46 -18.52 -18.17
N TYR A 55 -6.43 -18.66 -19.08
CA TYR A 55 -7.49 -17.69 -19.33
C TYR A 55 -8.79 -18.48 -19.53
N TRP A 56 -9.95 -17.81 -19.40
CA TRP A 56 -11.26 -18.44 -19.42
C TRP A 56 -11.36 -19.53 -18.33
N ALA A 57 -10.69 -19.31 -17.17
CA ALA A 57 -10.63 -20.19 -15.98
C ALA A 57 -9.90 -21.53 -16.19
N SER A 58 -9.99 -22.19 -17.38
CA SER A 58 -9.40 -23.51 -17.63
C SER A 58 -8.53 -23.66 -18.92
N THR A 59 -8.53 -22.68 -19.83
CA THR A 59 -7.76 -22.77 -21.08
C THR A 59 -6.28 -22.49 -20.85
N ARG A 60 -5.40 -23.44 -21.20
CA ARG A 60 -3.96 -23.27 -21.07
C ARG A 60 -3.46 -22.39 -22.24
N GLU A 61 -2.59 -21.43 -21.93
CA GLU A 61 -2.01 -20.55 -22.95
C GLU A 61 -0.95 -21.34 -23.75
N SER A 62 -0.75 -20.97 -25.03
CA SER A 62 0.24 -21.62 -25.90
C SER A 62 1.64 -21.49 -25.29
N GLY A 63 2.39 -22.59 -25.33
CA GLY A 63 3.73 -22.64 -24.78
C GLY A 63 3.85 -22.95 -23.30
N VAL A 64 2.76 -22.84 -22.49
CA VAL A 64 2.87 -23.12 -21.06
C VAL A 64 2.71 -24.65 -20.85
N PRO A 65 3.57 -25.30 -20.03
CA PRO A 65 3.50 -26.77 -19.93
C PRO A 65 2.21 -27.36 -19.32
N ASP A 66 1.96 -28.65 -19.62
CA ASP A 66 0.77 -29.41 -19.19
C ASP A 66 0.61 -29.57 -17.68
N ARG A 67 1.67 -29.39 -16.89
CA ARG A 67 1.55 -29.50 -15.44
C ARG A 67 0.69 -28.37 -14.83
N PHE A 68 0.55 -27.22 -15.51
CA PHE A 68 -0.30 -26.12 -15.06
C PHE A 68 -1.71 -26.32 -15.62
N SER A 69 -2.75 -26.22 -14.77
CA SER A 69 -4.12 -26.37 -15.21
C SER A 69 -5.05 -25.55 -14.30
N GLY A 70 -6.15 -25.10 -14.87
CA GLY A 70 -7.14 -24.31 -14.15
C GLY A 70 -8.47 -25.03 -14.08
N SER A 71 -9.17 -24.88 -12.96
CA SER A 71 -10.48 -25.49 -12.74
C SER A 71 -11.32 -24.54 -11.80
N GLY A 72 -12.46 -25.01 -11.30
CA GLY A 72 -13.32 -24.16 -10.48
C GLY A 72 -14.12 -23.22 -11.37
N SER A 73 -15.28 -22.72 -10.89
CA SER A 73 -16.12 -21.88 -11.74
C SER A 73 -17.03 -20.89 -11.03
N GLY A 74 -17.38 -19.82 -11.76
CA GLY A 74 -18.24 -18.73 -11.30
C GLY A 74 -17.51 -17.72 -10.44
N THR A 75 -17.27 -18.10 -9.17
CA THR A 75 -16.64 -17.27 -8.16
C THR A 75 -15.36 -17.91 -7.57
N ASP A 76 -15.33 -19.24 -7.39
CA ASP A 76 -14.19 -19.94 -6.79
C ASP A 76 -13.37 -20.63 -7.86
N PHE A 77 -12.08 -20.30 -7.94
CA PHE A 77 -11.17 -20.81 -8.95
C PHE A 77 -9.95 -21.48 -8.33
N THR A 78 -9.33 -22.42 -9.06
CA THR A 78 -8.18 -23.16 -8.55
C THR A 78 -7.14 -23.42 -9.63
N LEU A 79 -5.89 -22.99 -9.39
CA LEU A 79 -4.76 -23.28 -10.27
C LEU A 79 -4.03 -24.47 -9.65
N THR A 80 -3.72 -25.49 -10.46
CA THR A 80 -3.02 -26.68 -9.98
C THR A 80 -1.74 -26.88 -10.78
N ILE A 81 -0.67 -27.31 -10.09
CA ILE A 81 0.59 -27.70 -10.69
C ILE A 81 0.70 -29.17 -10.25
N SER A 82 0.46 -30.12 -11.19
CA SER A 82 0.47 -31.55 -10.90
C SER A 82 1.79 -32.08 -10.32
N SER A 83 2.92 -31.54 -10.78
CA SER A 83 4.24 -31.91 -10.27
C SER A 83 5.11 -30.65 -10.28
N LEU A 84 5.31 -30.03 -9.11
CA LEU A 84 6.06 -28.79 -9.02
C LEU A 84 7.54 -28.98 -9.33
N GLN A 85 8.05 -28.16 -10.27
CA GLN A 85 9.46 -28.16 -10.68
C GLN A 85 10.23 -27.03 -9.98
N ALA A 86 11.57 -27.11 -9.99
CA ALA A 86 12.43 -26.10 -9.39
C ALA A 86 12.20 -24.71 -10.03
N GLU A 87 12.08 -24.67 -11.37
CA GLU A 87 11.84 -23.44 -12.12
C GLU A 87 10.44 -22.83 -11.88
N ASP A 88 9.48 -23.59 -11.34
CA ASP A 88 8.14 -23.08 -11.06
C ASP A 88 8.06 -22.21 -9.81
N VAL A 89 9.16 -21.96 -9.09
CA VAL A 89 9.10 -21.11 -7.90
C VAL A 89 8.88 -19.66 -8.37
N ALA A 90 7.76 -19.05 -7.94
CA ALA A 90 7.34 -17.70 -8.35
C ALA A 90 6.08 -17.27 -7.52
N VAL A 91 5.59 -16.01 -7.68
CA VAL A 91 4.33 -15.56 -7.09
C VAL A 91 3.29 -15.72 -8.23
N TYR A 92 2.16 -16.40 -7.95
CA TYR A 92 1.11 -16.68 -8.93
C TYR A 92 -0.13 -15.84 -8.59
N TYR A 93 -0.64 -15.09 -9.56
CA TYR A 93 -1.77 -14.21 -9.37
C TYR A 93 -2.98 -14.63 -10.17
N CYS A 94 -4.18 -14.30 -9.69
CA CYS A 94 -5.41 -14.48 -10.45
C CYS A 94 -5.97 -13.09 -10.77
N GLN A 95 -6.72 -12.96 -11.85
CA GLN A 95 -7.24 -11.68 -12.29
C GLN A 95 -8.58 -11.85 -12.95
N GLN A 96 -9.48 -10.89 -12.75
CA GLN A 96 -10.77 -10.91 -13.44
C GLN A 96 -10.73 -9.89 -14.56
N TYR A 97 -11.23 -10.27 -15.73
CA TYR A 97 -11.36 -9.35 -16.86
C TYR A 97 -12.82 -9.26 -17.27
N TYR A 98 -13.74 -9.21 -16.27
CA TYR A 98 -15.18 -9.17 -16.44
C TYR A 98 -15.73 -7.73 -16.44
N SER A 99 -15.35 -6.91 -15.43
CA SER A 99 -15.83 -5.53 -15.32
C SER A 99 -14.70 -4.57 -15.01
N THR A 100 -14.85 -3.30 -15.46
CA THR A 100 -13.81 -2.31 -15.23
C THR A 100 -13.98 -1.74 -13.82
N PRO A 101 -12.90 -1.52 -13.05
CA PRO A 101 -11.49 -1.80 -13.37
C PRO A 101 -11.17 -3.29 -13.33
N PHE A 102 -10.25 -3.75 -14.16
CA PHE A 102 -9.80 -5.15 -14.10
C PHE A 102 -8.94 -5.26 -12.85
N THR A 103 -9.23 -6.25 -12.00
CA THR A 103 -8.55 -6.39 -10.72
C THR A 103 -7.81 -7.70 -10.57
N PHE A 104 -6.71 -7.66 -9.80
CA PHE A 104 -5.84 -8.79 -9.51
C PHE A 104 -5.97 -9.22 -8.05
N GLY A 105 -5.58 -10.44 -7.77
CA GLY A 105 -5.54 -10.97 -6.41
C GLY A 105 -4.28 -10.56 -5.69
N PRO A 106 -4.13 -10.88 -4.39
CA PRO A 106 -2.89 -10.49 -3.68
C PRO A 106 -1.64 -11.30 -4.03
N GLY A 107 -1.81 -12.46 -4.66
CA GLY A 107 -0.72 -13.34 -5.06
C GLY A 107 -0.43 -14.43 -4.05
N THR A 108 0.10 -15.56 -4.52
CA THR A 108 0.48 -16.70 -3.68
C THR A 108 1.91 -17.08 -4.04
N LYS A 109 2.84 -16.99 -3.07
CA LYS A 109 4.23 -17.36 -3.29
C LYS A 109 4.38 -18.88 -3.18
N VAL A 110 4.71 -19.56 -4.29
CA VAL A 110 4.88 -21.01 -4.32
C VAL A 110 6.38 -21.28 -4.23
N GLU A 111 6.80 -22.03 -3.21
CA GLU A 111 8.20 -22.37 -2.92
C GLU A 111 8.39 -23.89 -2.74
N ILE A 112 9.64 -24.36 -2.77
CA ILE A 112 9.97 -25.78 -2.66
C ILE A 112 10.50 -26.16 -1.26
N LYS A 113 10.00 -27.30 -0.74
CA LYS A 113 10.43 -27.91 0.51
C LYS A 113 11.53 -28.86 0.07
N ARG A 114 12.72 -28.69 0.62
CA ARG A 114 13.86 -29.54 0.27
C ARG A 114 14.70 -29.89 1.52
N THR A 115 15.73 -30.73 1.36
CA THR A 115 16.59 -31.10 2.48
C THR A 115 17.35 -29.87 3.00
N VAL A 116 17.67 -29.89 4.28
CA VAL A 116 18.37 -28.78 4.91
C VAL A 116 19.79 -28.68 4.34
N ALA A 117 20.20 -27.48 3.90
CA ALA A 117 21.52 -27.22 3.34
C ALA A 117 22.17 -26.14 4.17
N ALA A 118 23.37 -26.40 4.72
CA ALA A 118 24.07 -25.41 5.54
C ALA A 118 24.74 -24.36 4.63
N PRO A 119 24.83 -23.07 5.03
CA PRO A 119 25.50 -22.09 4.15
C PRO A 119 27.02 -22.21 4.13
N SER A 120 27.64 -21.69 3.07
CA SER A 120 29.09 -21.58 2.98
C SER A 120 29.30 -20.12 3.33
N VAL A 121 29.97 -19.86 4.46
CA VAL A 121 30.15 -18.49 4.96
C VAL A 121 31.49 -17.95 4.49
N PHE A 122 31.51 -16.70 4.00
CA PHE A 122 32.71 -16.02 3.52
C PHE A 122 32.72 -14.60 4.06
N ILE A 123 33.85 -14.13 4.57
CA ILE A 123 33.96 -12.74 5.05
C ILE A 123 34.89 -11.99 4.10
N PHE A 124 34.54 -10.73 3.81
CA PHE A 124 35.31 -9.90 2.90
C PHE A 124 35.68 -8.60 3.60
N PRO A 125 36.98 -8.31 3.82
CA PRO A 125 37.34 -7.01 4.41
C PRO A 125 37.09 -5.85 3.43
N PRO A 126 37.08 -4.57 3.87
CA PRO A 126 36.94 -3.48 2.88
C PRO A 126 38.17 -3.39 1.99
N SER A 127 37.97 -2.97 0.74
CA SER A 127 39.08 -2.82 -0.19
C SER A 127 39.87 -1.56 0.17
N ASP A 128 41.15 -1.52 -0.19
CA ASP A 128 41.97 -0.33 0.03
C ASP A 128 41.43 0.86 -0.79
N GLU A 129 40.80 0.59 -1.96
CA GLU A 129 40.19 1.61 -2.81
C GLU A 129 39.04 2.30 -2.05
N GLN A 130 38.23 1.52 -1.30
CA GLN A 130 37.12 2.07 -0.53
C GLN A 130 37.60 2.79 0.72
N LEU A 131 38.57 2.24 1.45
CA LEU A 131 39.08 2.90 2.66
C LEU A 131 39.67 4.26 2.35
N LYS A 132 40.37 4.36 1.21
CA LYS A 132 40.94 5.61 0.67
C LYS A 132 39.83 6.69 0.57
N SER A 133 38.63 6.29 0.09
CA SER A 133 37.49 7.18 -0.07
C SER A 133 36.83 7.63 1.26
N GLY A 134 37.13 6.96 2.37
CA GLY A 134 36.66 7.34 3.70
C GLY A 134 35.67 6.42 4.40
N THR A 135 35.32 5.26 3.80
CA THR A 135 34.32 4.33 4.36
C THR A 135 34.85 2.88 4.34
N ALA A 136 34.33 2.04 5.25
CA ALA A 136 34.72 0.64 5.36
C ALA A 136 33.48 -0.25 5.43
N SER A 137 33.17 -0.98 4.37
CA SER A 137 32.06 -1.92 4.33
C SER A 137 32.69 -3.31 4.43
N VAL A 138 32.26 -4.10 5.41
CA VAL A 138 32.74 -5.47 5.64
C VAL A 138 31.53 -6.31 5.23
N VAL A 139 31.70 -7.23 4.27
CA VAL A 139 30.57 -8.01 3.78
C VAL A 139 30.72 -9.47 4.21
N CYS A 140 29.65 -10.05 4.77
CA CYS A 140 29.59 -11.46 5.13
C CYS A 140 28.58 -12.14 4.21
N LEU A 141 29.02 -13.16 3.46
CA LEU A 141 28.16 -13.88 2.54
C LEU A 141 27.86 -15.29 3.05
N LEU A 142 26.56 -15.66 3.05
CA LEU A 142 26.07 -17.00 3.39
C LEU A 142 25.56 -17.51 2.04
N ASN A 143 26.24 -18.51 1.47
CA ASN A 143 25.92 -19.02 0.14
C ASN A 143 25.16 -20.34 0.14
N ASN A 144 24.11 -20.41 -0.69
CA ASN A 144 23.28 -21.59 -0.95
C ASN A 144 22.89 -22.42 0.28
N PHE A 145 21.91 -21.91 1.04
CA PHE A 145 21.39 -22.58 2.24
C PHE A 145 19.87 -22.77 2.18
N TYR A 146 19.36 -23.68 3.01
CA TYR A 146 17.93 -23.92 3.14
C TYR A 146 17.67 -24.42 4.60
N PRO A 147 16.64 -23.93 5.35
CA PRO A 147 15.60 -22.93 5.00
C PRO A 147 16.10 -21.47 4.97
N ARG A 148 15.22 -20.49 4.66
CA ARG A 148 15.65 -19.09 4.58
C ARG A 148 16.04 -18.47 5.95
N GLU A 149 15.46 -18.96 7.05
CA GLU A 149 15.72 -18.41 8.38
C GLU A 149 17.21 -18.56 8.76
N ALA A 150 17.89 -17.43 8.99
CA ALA A 150 19.32 -17.40 9.32
C ALA A 150 19.63 -16.14 10.12
N LYS A 151 20.44 -16.29 11.17
CA LYS A 151 20.83 -15.18 12.05
C LYS A 151 22.30 -14.88 11.80
N VAL A 152 22.63 -13.62 11.47
CA VAL A 152 24.00 -13.18 11.21
C VAL A 152 24.34 -12.07 12.20
N GLN A 153 25.36 -12.26 13.06
CA GLN A 153 25.77 -11.26 14.05
C GLN A 153 27.17 -10.73 13.73
N TRP A 154 27.39 -9.42 13.95
CA TRP A 154 28.67 -8.76 13.71
C TRP A 154 29.34 -8.46 15.05
N LYS A 155 30.65 -8.70 15.15
CA LYS A 155 31.43 -8.46 16.36
C LYS A 155 32.75 -7.78 15.98
N VAL A 156 33.04 -6.60 16.54
CA VAL A 156 34.26 -5.84 16.28
C VAL A 156 35.00 -5.81 17.61
N ASP A 157 36.10 -6.57 17.72
CA ASP A 157 36.86 -6.76 18.96
C ASP A 157 35.95 -7.43 20.01
N ASN A 158 35.19 -8.45 19.56
CA ASN A 158 34.23 -9.24 20.35
C ASN A 158 33.08 -8.41 20.95
N ALA A 159 32.77 -7.24 20.37
CA ALA A 159 31.67 -6.40 20.83
C ALA A 159 30.56 -6.49 19.78
N LEU A 160 29.37 -6.97 20.19
CA LEU A 160 28.24 -7.13 19.28
C LEU A 160 27.81 -5.78 18.73
N GLN A 161 27.62 -5.70 17.40
CA GLN A 161 27.25 -4.47 16.71
C GLN A 161 25.75 -4.33 16.53
N SER A 162 25.25 -3.09 16.50
CA SER A 162 23.83 -2.79 16.30
C SER A 162 23.65 -1.48 15.53
N GLY A 163 22.69 -1.48 14.60
CA GLY A 163 22.34 -0.29 13.82
C GLY A 163 23.30 0.13 12.72
N ASN A 164 24.40 -0.62 12.52
CA ASN A 164 25.40 -0.29 11.50
C ASN A 164 25.58 -1.43 10.48
N SER A 165 24.52 -2.25 10.27
CA SER A 165 24.55 -3.35 9.32
C SER A 165 23.18 -3.50 8.63
N GLN A 166 23.20 -3.98 7.38
CA GLN A 166 22.01 -4.19 6.56
C GLN A 166 22.16 -5.52 5.86
N GLU A 167 21.10 -6.33 5.80
CA GLU A 167 21.19 -7.62 5.11
C GLU A 167 20.22 -7.70 3.93
N SER A 168 20.58 -8.53 2.95
CA SER A 168 19.84 -8.73 1.71
C SER A 168 19.79 -10.22 1.42
N VAL A 169 18.65 -10.71 0.91
CA VAL A 169 18.46 -12.13 0.63
C VAL A 169 17.98 -12.30 -0.81
N THR A 170 18.48 -13.31 -1.51
CA THR A 170 18.02 -13.61 -2.87
C THR A 170 16.76 -14.47 -2.74
N GLU A 171 15.92 -14.47 -3.78
CA GLU A 171 14.75 -15.34 -3.80
C GLU A 171 15.22 -16.76 -4.10
N GLN A 172 14.41 -17.77 -3.76
CA GLN A 172 14.79 -19.18 -3.93
C GLN A 172 15.30 -19.51 -5.34
N ASP A 173 16.48 -20.15 -5.43
CA ASP A 173 17.13 -20.46 -6.70
C ASP A 173 16.27 -21.36 -7.58
N SER A 174 16.24 -21.07 -8.88
CA SER A 174 15.42 -21.81 -9.83
C SER A 174 15.97 -23.19 -10.18
N LYS A 175 17.18 -23.57 -9.72
CA LYS A 175 17.76 -24.87 -10.04
C LYS A 175 17.97 -25.73 -8.77
N ASP A 176 18.61 -25.17 -7.73
CA ASP A 176 18.92 -25.90 -6.49
C ASP A 176 17.99 -25.58 -5.31
N SER A 177 17.03 -24.63 -5.48
CA SER A 177 16.05 -24.23 -4.48
C SER A 177 16.63 -23.78 -3.13
N THR A 178 17.79 -23.11 -3.16
CA THR A 178 18.45 -22.59 -1.96
C THR A 178 18.31 -21.04 -1.95
N TYR A 179 18.80 -20.39 -0.87
CA TYR A 179 18.82 -18.96 -0.70
C TYR A 179 20.26 -18.53 -0.44
N SER A 180 20.54 -17.25 -0.66
CA SER A 180 21.84 -16.67 -0.37
C SER A 180 21.58 -15.34 0.32
N LEU A 181 22.48 -14.96 1.22
CA LEU A 181 22.32 -13.75 2.01
C LEU A 181 23.65 -13.01 2.19
N SER A 182 23.62 -11.67 2.13
CA SER A 182 24.79 -10.85 2.39
C SER A 182 24.47 -9.87 3.51
N SER A 183 25.31 -9.79 4.54
CA SER A 183 25.15 -8.82 5.63
C SER A 183 26.33 -7.87 5.51
N THR A 184 26.06 -6.55 5.42
CA THR A 184 27.11 -5.55 5.24
C THR A 184 27.17 -4.64 6.46
N LEU A 185 28.32 -4.66 7.15
CA LEU A 185 28.62 -3.79 8.29
C LEU A 185 29.35 -2.58 7.71
N THR A 186 28.85 -1.35 7.92
CA THR A 186 29.49 -0.13 7.40
C THR A 186 30.01 0.73 8.55
N LEU A 187 31.30 1.06 8.53
CA LEU A 187 31.97 1.94 9.51
C LEU A 187 32.73 3.05 8.79
N SER A 188 33.06 4.13 9.50
CA SER A 188 33.88 5.19 8.93
C SER A 188 35.34 4.67 8.87
N LYS A 189 36.20 5.32 8.06
CA LYS A 189 37.60 4.94 7.97
C LYS A 189 38.28 5.02 9.35
N ALA A 190 38.06 6.13 10.08
CA ALA A 190 38.60 6.34 11.42
C ALA A 190 38.19 5.22 12.39
N ASP A 191 36.90 4.81 12.39
CA ASP A 191 36.43 3.72 13.24
C ASP A 191 37.03 2.39 12.85
N TYR A 192 37.10 2.10 11.54
CA TYR A 192 37.67 0.85 11.06
C TYR A 192 39.13 0.69 11.50
N GLU A 193 39.89 1.79 11.54
CA GLU A 193 41.28 1.77 11.97
C GLU A 193 41.45 1.74 13.52
N LYS A 194 40.37 1.94 14.30
CA LYS A 194 40.42 1.86 15.76
C LYS A 194 40.35 0.40 16.27
N HIS A 195 39.90 -0.56 15.42
CA HIS A 195 39.70 -1.96 15.81
C HIS A 195 40.47 -2.97 14.96
N LYS A 196 40.73 -4.17 15.53
CA LYS A 196 41.52 -5.23 14.90
C LYS A 196 40.67 -6.41 14.38
N VAL A 197 39.89 -7.09 15.24
CA VAL A 197 39.15 -8.30 14.84
C VAL A 197 37.74 -7.98 14.35
N TYR A 198 37.39 -8.45 13.15
CA TYR A 198 36.06 -8.28 12.54
C TYR A 198 35.50 -9.66 12.29
N ALA A 199 34.45 -10.06 13.04
CA ALA A 199 33.87 -11.39 12.95
C ALA A 199 32.41 -11.39 12.56
N CYS A 200 32.01 -12.42 11.81
CA CYS A 200 30.65 -12.65 11.35
C CYS A 200 30.24 -14.02 11.88
N GLU A 201 29.30 -14.07 12.83
CA GLU A 201 28.82 -15.32 13.43
C GLU A 201 27.49 -15.69 12.78
N VAL A 202 27.41 -16.90 12.20
CA VAL A 202 26.23 -17.39 11.50
C VAL A 202 25.60 -18.59 12.22
N THR A 203 24.30 -18.50 12.53
CA THR A 203 23.54 -19.59 13.12
C THR A 203 22.50 -20.01 12.08
N HIS A 204 22.44 -21.31 11.79
CA HIS A 204 21.52 -21.87 10.81
C HIS A 204 21.11 -23.30 11.23
N GLN A 205 19.95 -23.75 10.75
CA GLN A 205 19.44 -25.09 11.06
C GLN A 205 20.42 -26.18 10.63
N GLY A 206 21.09 -25.98 9.49
CA GLY A 206 22.07 -26.92 8.95
C GLY A 206 23.41 -26.97 9.66
N LEU A 207 23.65 -26.08 10.64
CA LEU A 207 24.91 -26.04 11.40
C LEU A 207 24.66 -26.54 12.83
N SER A 208 25.48 -27.48 13.32
CA SER A 208 25.33 -28.01 14.67
C SER A 208 25.65 -26.94 15.73
N SER A 209 26.59 -26.02 15.42
CA SER A 209 26.94 -24.90 16.29
C SER A 209 27.33 -23.68 15.40
N PRO A 210 27.19 -22.40 15.85
CA PRO A 210 27.49 -21.27 14.94
C PRO A 210 28.90 -21.22 14.34
N VAL A 211 28.98 -20.82 13.07
CA VAL A 211 30.21 -20.71 12.30
C VAL A 211 30.64 -19.25 12.34
N THR A 212 31.90 -18.97 12.72
CA THR A 212 32.42 -17.62 12.78
C THR A 212 33.56 -17.43 11.79
N LYS A 213 33.37 -16.55 10.79
CA LYS A 213 34.42 -16.20 9.83
C LYS A 213 34.94 -14.82 10.27
N SER A 214 36.26 -14.67 10.42
CA SER A 214 36.84 -13.41 10.91
C SER A 214 38.22 -13.11 10.31
N PHE A 215 38.68 -11.87 10.48
CA PHE A 215 39.99 -11.44 10.01
C PHE A 215 40.53 -10.32 10.91
N ASN A 216 41.86 -10.14 10.92
CA ASN A 216 42.50 -9.05 11.64
C ASN A 216 42.83 -7.97 10.60
N ARG A 217 42.48 -6.70 10.88
CA ARG A 217 42.75 -5.59 9.96
C ARG A 217 44.27 -5.46 9.70
N GLY A 218 44.67 -5.45 8.43
CA GLY A 218 46.06 -5.33 8.02
C GLY A 218 46.68 -6.63 7.57
N GLU A 219 46.31 -7.08 6.35
CA GLU A 219 46.78 -8.34 5.71
C GLU A 219 46.47 -9.62 6.52
N CYS A 220 45.76 -9.50 7.66
CA CYS A 220 45.40 -10.61 8.56
C CYS A 220 46.65 -11.31 9.18
N GLU B 1 5.41 -13.97 -32.57
CA GLU B 1 5.03 -13.45 -31.26
C GLU B 1 5.06 -11.90 -31.23
N VAL B 2 4.41 -11.29 -30.21
CA VAL B 2 4.33 -9.84 -30.04
C VAL B 2 5.39 -9.42 -29.04
N GLN B 3 6.11 -8.33 -29.34
CA GLN B 3 7.19 -7.81 -28.51
C GLN B 3 6.87 -6.36 -28.13
N LEU B 4 6.96 -6.02 -26.83
CA LEU B 4 6.69 -4.66 -26.34
C LEU B 4 7.92 -4.08 -25.67
N GLN B 5 8.47 -3.00 -26.23
CA GLN B 5 9.66 -2.34 -25.67
C GLN B 5 9.27 -1.04 -24.97
N GLN B 6 9.62 -0.92 -23.69
CA GLN B 6 9.33 0.27 -22.89
C GLN B 6 10.50 1.23 -22.87
N SER B 7 10.19 2.52 -22.81
CA SER B 7 11.19 3.58 -22.74
C SER B 7 10.62 4.79 -22.00
N GLY B 8 11.51 5.64 -21.51
CA GLY B 8 11.16 6.84 -20.77
C GLY B 8 11.90 6.89 -19.44
N PRO B 9 12.18 8.08 -18.83
CA PRO B 9 12.90 8.09 -17.56
C PRO B 9 12.13 7.48 -16.38
N GLY B 10 12.88 6.96 -15.43
CA GLY B 10 12.33 6.40 -14.20
C GLY B 10 12.21 7.44 -13.11
N LEU B 11 13.19 8.34 -13.01
CA LEU B 11 13.19 9.39 -11.98
C LEU B 11 12.29 10.56 -12.35
N VAL B 12 11.31 10.88 -11.48
CA VAL B 12 10.38 11.98 -11.69
C VAL B 12 10.35 12.80 -10.40
N LYS B 13 10.47 14.13 -10.50
CA LYS B 13 10.43 14.98 -9.31
C LYS B 13 8.96 15.10 -8.84
N PRO B 14 8.66 15.21 -7.52
CA PRO B 14 7.24 15.36 -7.13
C PRO B 14 6.55 16.55 -7.81
N SER B 15 5.25 16.44 -8.10
CA SER B 15 4.43 17.44 -8.80
C SER B 15 4.63 17.45 -10.34
N GLN B 16 5.78 16.93 -10.84
CA GLN B 16 6.09 16.90 -12.28
C GLN B 16 5.46 15.66 -12.94
N THR B 17 5.51 15.54 -14.29
CA THR B 17 4.81 14.47 -15.00
C THR B 17 5.74 13.31 -15.44
N LEU B 18 5.21 12.09 -15.30
CA LEU B 18 5.86 10.86 -15.72
C LEU B 18 5.42 10.62 -17.16
N SER B 19 6.37 10.31 -18.07
CA SER B 19 6.01 10.04 -19.45
C SER B 19 6.82 8.84 -19.97
N LEU B 20 6.10 7.74 -20.28
CA LEU B 20 6.68 6.50 -20.79
C LEU B 20 6.02 6.13 -22.12
N THR B 21 6.73 5.35 -22.93
CA THR B 21 6.22 4.86 -24.22
C THR B 21 6.39 3.35 -24.28
N CYS B 22 5.49 2.69 -25.03
CA CYS B 22 5.51 1.24 -25.23
C CYS B 22 5.47 0.99 -26.72
N ALA B 23 6.62 0.76 -27.34
CA ALA B 23 6.71 0.50 -28.78
C ALA B 23 6.28 -0.94 -29.07
N ILE B 24 5.38 -1.12 -30.04
CA ILE B 24 4.84 -2.44 -30.42
C ILE B 24 5.56 -2.98 -31.66
N SER B 25 5.84 -4.29 -31.66
CA SER B 25 6.43 -5.02 -32.80
C SER B 25 5.70 -6.36 -32.86
N GLY B 26 5.23 -6.74 -34.05
CA GLY B 26 4.49 -7.97 -34.23
C GLY B 26 2.98 -7.81 -34.25
N ASP B 27 2.48 -6.57 -34.09
CA ASP B 27 1.04 -6.25 -34.10
C ASP B 27 0.86 -4.72 -34.38
N SER B 28 -0.37 -4.30 -34.70
CA SER B 28 -0.70 -2.88 -34.92
C SER B 28 -1.38 -2.28 -33.68
N VAL B 29 -1.35 -0.94 -33.53
CA VAL B 29 -2.01 -0.28 -32.38
C VAL B 29 -3.52 -0.27 -32.61
N SER B 30 -3.96 -0.05 -33.89
CA SER B 30 -5.36 0.00 -34.26
C SER B 30 -6.00 -1.39 -34.42
N SER B 31 -5.44 -2.45 -33.81
CA SER B 31 -5.96 -3.80 -33.96
C SER B 31 -7.32 -3.99 -33.27
N ASN B 32 -8.31 -4.53 -34.00
CA ASN B 32 -9.64 -4.83 -33.44
C ASN B 32 -9.60 -5.99 -32.43
N SER B 33 -8.56 -6.85 -32.49
CA SER B 33 -8.41 -7.96 -31.57
C SER B 33 -7.51 -7.61 -30.36
N ALA B 34 -7.26 -6.31 -30.08
CA ALA B 34 -6.39 -5.93 -28.97
C ALA B 34 -6.72 -4.57 -28.33
N ALA B 35 -6.35 -4.44 -27.04
CA ALA B 35 -6.42 -3.21 -26.24
C ALA B 35 -5.02 -3.00 -25.64
N TRP B 36 -4.59 -1.76 -25.50
CA TRP B 36 -3.25 -1.45 -25.02
C TRP B 36 -3.29 -0.82 -23.63
N ASN B 37 -3.00 -1.65 -22.61
CA ASN B 37 -3.12 -1.29 -21.19
C ASN B 37 -1.82 -0.92 -20.48
N TRP B 38 -1.97 -0.14 -19.40
CA TRP B 38 -0.87 0.20 -18.50
C TRP B 38 -1.26 -0.35 -17.13
N ILE B 39 -0.36 -1.13 -16.52
CA ILE B 39 -0.54 -1.73 -15.21
C ILE B 39 0.65 -1.26 -14.33
N ARG B 40 0.46 -1.09 -13.03
CA ARG B 40 1.57 -0.73 -12.13
C ARG B 40 1.66 -1.78 -11.00
N GLN B 41 2.85 -1.91 -10.41
CA GLN B 41 3.07 -2.87 -9.34
C GLN B 41 3.97 -2.28 -8.27
N SER B 42 3.56 -2.39 -7.02
CA SER B 42 4.35 -1.96 -5.88
C SER B 42 4.14 -2.97 -4.74
N PRO B 43 5.08 -3.16 -3.79
CA PRO B 43 4.81 -4.12 -2.70
C PRO B 43 3.62 -3.72 -1.82
N SER B 44 3.28 -2.41 -1.77
CA SER B 44 2.15 -1.92 -0.97
C SER B 44 0.79 -2.22 -1.62
N ARG B 45 0.64 -2.01 -2.94
CA ARG B 45 -0.64 -2.18 -3.63
C ARG B 45 -0.77 -3.38 -4.56
N GLY B 46 0.28 -4.18 -4.71
CA GLY B 46 0.25 -5.32 -5.61
C GLY B 46 0.12 -4.87 -7.05
N LEU B 47 -0.60 -5.63 -7.88
CA LEU B 47 -0.83 -5.28 -9.29
C LEU B 47 -2.11 -4.47 -9.44
N GLU B 48 -2.05 -3.33 -10.13
CA GLU B 48 -3.21 -2.46 -10.31
C GLU B 48 -3.30 -1.93 -11.75
N TRP B 49 -4.48 -2.07 -12.37
CA TRP B 49 -4.73 -1.57 -13.71
C TRP B 49 -4.86 -0.05 -13.67
N LEU B 50 -4.23 0.66 -14.62
CA LEU B 50 -4.27 2.13 -14.69
C LEU B 50 -5.17 2.68 -15.80
N GLY B 51 -5.12 2.07 -16.98
CA GLY B 51 -5.92 2.52 -18.10
C GLY B 51 -5.61 1.77 -19.38
N LYS B 52 -6.37 2.09 -20.45
CA LYS B 52 -6.18 1.46 -21.75
C LYS B 52 -6.64 2.33 -22.91
N THR B 53 -6.19 1.99 -24.12
CA THR B 53 -6.61 2.61 -25.38
C THR B 53 -6.85 1.49 -26.40
N TYR B 54 -7.97 1.57 -27.12
CA TYR B 54 -8.34 0.57 -28.12
C TYR B 54 -9.11 1.22 -29.25
N TYR B 55 -8.95 0.68 -30.46
CA TYR B 55 -9.64 1.19 -31.64
C TYR B 55 -10.49 0.07 -32.17
N ARG B 56 -11.81 0.27 -32.24
CA ARG B 56 -12.71 -0.73 -32.82
C ARG B 56 -13.06 -0.13 -34.19
N PHE B 57 -13.88 0.91 -34.22
CA PHE B 57 -14.14 1.72 -35.42
C PHE B 57 -13.99 3.27 -35.09
N LYS B 58 -13.50 3.59 -33.86
CA LYS B 58 -13.20 4.91 -33.29
C LYS B 58 -12.18 4.67 -32.13
N TRP B 59 -11.33 5.66 -31.82
CA TRP B 59 -10.38 5.49 -30.70
C TRP B 59 -11.09 5.73 -29.38
N TYR B 60 -10.96 4.78 -28.43
CA TYR B 60 -11.56 4.88 -27.10
C TYR B 60 -10.48 4.75 -26.01
N SER B 61 -10.77 5.29 -24.82
CA SER B 61 -9.89 5.26 -23.64
C SER B 61 -10.72 5.01 -22.38
N ASP B 62 -10.22 4.18 -21.47
CA ASP B 62 -10.86 3.88 -20.19
C ASP B 62 -9.77 3.96 -19.14
N TYR B 63 -9.98 4.74 -18.06
CA TYR B 63 -8.98 4.93 -17.01
C TYR B 63 -9.50 4.55 -15.62
N ALA B 64 -8.59 4.21 -14.69
CA ALA B 64 -8.97 3.87 -13.33
C ALA B 64 -9.37 5.13 -12.56
N VAL B 65 -10.34 5.01 -11.63
CA VAL B 65 -10.80 6.18 -10.86
C VAL B 65 -9.71 6.74 -9.96
N SER B 66 -8.72 5.94 -9.54
CA SER B 66 -7.65 6.42 -8.69
C SER B 66 -6.68 7.40 -9.39
N VAL B 67 -6.76 7.54 -10.73
CA VAL B 67 -5.87 8.42 -11.50
C VAL B 67 -6.60 9.35 -12.53
N LYS B 68 -7.94 9.33 -12.63
CA LYS B 68 -8.66 10.18 -13.59
C LYS B 68 -8.38 11.66 -13.31
N GLY B 69 -8.00 12.39 -14.35
CA GLY B 69 -7.61 13.79 -14.27
C GLY B 69 -6.12 14.00 -14.40
N ARG B 70 -5.32 12.96 -14.10
CA ARG B 70 -3.84 13.00 -14.18
C ARG B 70 -3.33 12.14 -15.34
N ILE B 71 -3.97 10.99 -15.59
CA ILE B 71 -3.56 10.00 -16.60
C ILE B 71 -4.06 10.28 -18.03
N THR B 72 -3.20 9.98 -19.03
CA THR B 72 -3.51 10.10 -20.45
C THR B 72 -2.74 8.99 -21.19
N ILE B 73 -3.44 8.14 -21.95
CA ILE B 73 -2.84 7.05 -22.71
C ILE B 73 -3.26 7.27 -24.15
N ASN B 74 -2.34 7.81 -24.99
CA ASN B 74 -2.66 8.11 -26.38
C ASN B 74 -1.86 7.23 -27.35
N PRO B 75 -2.47 6.74 -28.47
CA PRO B 75 -1.69 5.95 -29.43
C PRO B 75 -0.97 6.79 -30.49
N ASP B 76 -0.02 6.18 -31.18
CA ASP B 76 0.71 6.79 -32.30
C ASP B 76 0.72 5.73 -33.39
N THR B 77 -0.10 5.92 -34.43
CA THR B 77 -0.22 4.93 -35.51
C THR B 77 1.04 4.91 -36.38
N SER B 78 1.65 6.08 -36.64
CA SER B 78 2.85 6.18 -37.47
C SER B 78 4.08 5.53 -36.81
N LYS B 79 4.23 5.63 -35.49
CA LYS B 79 5.35 5.03 -34.75
C LYS B 79 5.02 3.65 -34.13
N ASN B 80 3.75 3.17 -34.28
CA ASN B 80 3.27 1.89 -33.74
C ASN B 80 3.58 1.75 -32.25
N GLN B 81 3.12 2.71 -31.46
CA GLN B 81 3.35 2.72 -30.02
C GLN B 81 2.22 3.42 -29.25
N PHE B 82 2.20 3.25 -27.92
CA PHE B 82 1.22 3.92 -27.07
C PHE B 82 1.93 4.49 -25.85
N SER B 83 1.53 5.69 -25.45
CA SER B 83 2.18 6.43 -24.38
C SER B 83 1.40 6.37 -23.06
N LEU B 84 2.07 6.80 -21.98
CA LEU B 84 1.50 6.95 -20.65
C LEU B 84 1.98 8.29 -20.13
N GLN B 85 1.08 9.13 -19.67
CA GLN B 85 1.44 10.42 -19.10
C GLN B 85 0.69 10.56 -17.78
N LEU B 86 1.42 10.58 -16.65
CA LEU B 86 0.82 10.73 -15.33
C LEU B 86 1.26 12.10 -14.81
N ASN B 87 0.34 13.07 -14.70
N ASN B 87 0.32 13.06 -14.68
CA ASN B 87 0.65 14.41 -14.19
CA ASN B 87 0.61 14.42 -14.18
C ASN B 87 0.61 14.43 -12.65
C ASN B 87 0.53 14.47 -12.65
N SER B 88 1.15 15.50 -12.03
CA SER B 88 1.14 15.70 -10.57
C SER B 88 1.50 14.45 -9.77
N VAL B 89 2.69 13.97 -10.02
CA VAL B 89 3.20 12.74 -9.44
C VAL B 89 3.60 12.93 -7.94
N THR B 90 3.14 12.01 -7.06
CA THR B 90 3.41 12.03 -5.62
C THR B 90 4.25 10.79 -5.21
N PRO B 91 4.89 10.74 -4.01
CA PRO B 91 5.64 9.52 -3.63
C PRO B 91 4.83 8.23 -3.69
N GLU B 92 3.50 8.32 -3.61
CA GLU B 92 2.61 7.15 -3.68
C GLU B 92 2.58 6.54 -5.09
N ASP B 93 2.95 7.29 -6.13
CA ASP B 93 3.00 6.77 -7.49
C ASP B 93 4.26 5.93 -7.77
N THR B 94 5.22 5.82 -6.83
CA THR B 94 6.43 5.01 -7.03
C THR B 94 6.00 3.54 -7.22
N ALA B 95 6.30 2.97 -8.40
CA ALA B 95 5.91 1.60 -8.77
C ALA B 95 6.67 1.14 -10.05
N VAL B 96 6.55 -0.16 -10.42
CA VAL B 96 7.08 -0.68 -11.65
C VAL B 96 5.91 -0.56 -12.62
N PHE B 97 6.06 0.20 -13.71
CA PHE B 97 4.99 0.40 -14.68
C PHE B 97 5.18 -0.53 -15.89
N TYR B 98 4.18 -1.39 -16.14
CA TYR B 98 4.19 -2.34 -17.26
C TYR B 98 3.19 -1.92 -18.29
N CYS B 99 3.57 -2.04 -19.56
CA CYS B 99 2.63 -1.87 -20.66
C CYS B 99 2.28 -3.30 -21.08
N THR B 100 1.04 -3.53 -21.52
CA THR B 100 0.59 -4.88 -21.88
C THR B 100 -0.50 -4.90 -22.94
N ARG B 101 -0.60 -6.05 -23.65
CA ARG B 101 -1.61 -6.27 -24.67
C ARG B 101 -2.71 -7.12 -24.08
N GLU B 102 -3.95 -6.67 -24.22
CA GLU B 102 -5.13 -7.40 -23.82
C GLU B 102 -5.60 -8.12 -25.08
N SER B 103 -5.66 -9.46 -25.05
CA SER B 103 -6.05 -10.25 -26.23
C SER B 103 -7.57 -10.33 -26.28
N THR B 104 -8.22 -9.45 -27.07
CA THR B 104 -9.68 -9.42 -27.19
C THR B 104 -10.14 -10.05 -28.52
N THR B 105 -9.76 -11.32 -28.77
CA THR B 105 -10.13 -12.04 -29.99
C THR B 105 -11.53 -12.66 -29.92
N TYR B 106 -11.88 -13.34 -28.81
CA TYR B 106 -13.19 -13.99 -28.67
C TYR B 106 -14.24 -12.93 -28.31
N ASP B 107 -14.04 -12.18 -27.23
CA ASP B 107 -14.89 -11.07 -26.82
C ASP B 107 -14.07 -9.86 -27.25
N LEU B 108 -14.59 -9.08 -28.19
CA LEU B 108 -13.87 -7.94 -28.76
C LEU B 108 -13.64 -6.80 -27.79
N LEU B 109 -14.37 -6.74 -26.66
CA LEU B 109 -14.18 -5.69 -25.67
C LEU B 109 -13.58 -6.20 -24.35
N ALA B 110 -13.16 -7.49 -24.26
CA ALA B 110 -12.54 -8.03 -23.04
C ALA B 110 -11.65 -9.24 -23.35
N GLY B 111 -10.53 -9.33 -22.63
CA GLY B 111 -9.61 -10.44 -22.78
C GLY B 111 -8.47 -10.40 -21.77
N PRO B 112 -7.66 -11.48 -21.67
CA PRO B 112 -6.54 -11.45 -20.71
C PRO B 112 -5.31 -10.69 -21.23
N PHE B 113 -4.34 -10.39 -20.35
CA PHE B 113 -3.12 -9.72 -20.76
C PHE B 113 -2.10 -10.78 -21.18
N ASP B 114 -2.07 -11.10 -22.47
CA ASP B 114 -1.22 -12.16 -22.99
C ASP B 114 0.27 -11.79 -23.19
N TYR B 115 0.62 -10.50 -23.39
CA TYR B 115 2.02 -10.09 -23.55
C TYR B 115 2.30 -8.86 -22.70
N TRP B 116 3.48 -8.81 -22.07
CA TRP B 116 3.86 -7.71 -21.17
C TRP B 116 5.24 -7.17 -21.51
N GLY B 117 5.44 -5.88 -21.29
CA GLY B 117 6.73 -5.23 -21.46
C GLY B 117 7.65 -5.54 -20.28
N GLN B 118 8.95 -5.24 -20.41
CA GLN B 118 9.93 -5.57 -19.36
C GLN B 118 9.68 -4.87 -17.99
N GLY B 119 8.97 -3.76 -17.98
CA GLY B 119 8.69 -3.00 -16.78
C GLY B 119 9.68 -1.86 -16.62
N THR B 120 9.20 -0.72 -16.11
CA THR B 120 10.03 0.45 -15.87
C THR B 120 9.87 0.84 -14.40
N LEU B 121 10.97 0.79 -13.62
CA LEU B 121 10.90 1.21 -12.22
C LEU B 121 10.87 2.72 -12.20
N VAL B 122 9.79 3.30 -11.67
CA VAL B 122 9.60 4.73 -11.60
C VAL B 122 9.75 5.18 -10.15
N THR B 123 10.78 6.02 -9.88
CA THR B 123 11.05 6.53 -8.55
C THR B 123 10.65 8.00 -8.53
N VAL B 124 9.86 8.38 -7.53
CA VAL B 124 9.39 9.75 -7.36
C VAL B 124 10.22 10.38 -6.27
N SER B 125 11.20 11.20 -6.65
CA SER B 125 12.09 11.82 -5.69
C SER B 125 12.74 13.07 -6.26
N SER B 126 13.01 14.04 -5.38
CA SER B 126 13.70 15.28 -5.72
C SER B 126 15.22 15.09 -5.82
N ALA B 127 15.78 13.99 -5.26
CA ALA B 127 17.21 13.73 -5.28
C ALA B 127 17.75 13.58 -6.70
N SER B 128 18.99 14.06 -6.92
CA SER B 128 19.64 13.96 -8.21
C SER B 128 20.17 12.56 -8.44
N THR B 129 20.47 12.22 -9.71
CA THR B 129 21.04 10.93 -10.05
C THR B 129 22.49 10.89 -9.55
N LYS B 130 22.98 9.70 -9.21
CA LYS B 130 24.35 9.49 -8.78
C LYS B 130 24.82 8.13 -9.26
N GLY B 131 25.96 8.09 -9.94
CA GLY B 131 26.52 6.84 -10.43
C GLY B 131 27.15 6.03 -9.33
N PRO B 132 27.28 4.70 -9.49
CA PRO B 132 27.87 3.88 -8.41
C PRO B 132 29.38 3.90 -8.30
N SER B 133 29.87 3.62 -7.09
CA SER B 133 31.28 3.38 -6.83
C SER B 133 31.38 1.85 -6.74
N VAL B 134 32.25 1.22 -7.53
CA VAL B 134 32.37 -0.24 -7.53
C VAL B 134 33.72 -0.60 -6.90
N PHE B 135 33.67 -1.46 -5.88
CA PHE B 135 34.84 -1.91 -5.13
C PHE B 135 34.92 -3.43 -5.20
N PRO B 136 36.13 -4.05 -5.19
CA PRO B 136 36.18 -5.51 -5.28
C PRO B 136 35.94 -6.21 -3.93
N LEU B 137 35.45 -7.44 -3.98
CA LEU B 137 35.30 -8.31 -2.82
C LEU B 137 36.26 -9.44 -3.19
N ALA B 138 37.55 -9.22 -2.92
CA ALA B 138 38.63 -10.15 -3.30
C ALA B 138 38.47 -11.54 -2.72
N PRO B 139 38.84 -12.63 -3.44
CA PRO B 139 38.74 -13.97 -2.84
C PRO B 139 39.78 -14.15 -1.73
N SER B 140 39.40 -14.83 -0.66
CA SER B 140 40.27 -15.01 0.50
C SER B 140 41.52 -15.80 0.16
N SER B 141 42.64 -15.47 0.81
CA SER B 141 43.89 -16.19 0.67
C SER B 141 43.84 -17.55 1.43
N LYS B 142 42.83 -17.77 2.29
CA LYS B 142 42.65 -19.00 3.06
C LYS B 142 41.59 -19.91 2.38
N SER B 143 41.39 -19.80 1.05
CA SER B 143 40.42 -20.61 0.31
C SER B 143 40.77 -22.10 0.32
N THR B 144 39.79 -22.98 0.09
CA THR B 144 40.01 -24.42 0.09
C THR B 144 40.79 -24.82 -1.18
N SER B 145 41.99 -25.43 -1.02
CA SER B 145 42.79 -25.86 -2.17
C SER B 145 42.06 -27.04 -2.84
N GLY B 146 41.68 -26.84 -4.10
CA GLY B 146 40.89 -27.85 -4.81
C GLY B 146 39.43 -27.84 -4.42
N GLY B 147 38.93 -26.67 -3.98
CA GLY B 147 37.54 -26.47 -3.58
C GLY B 147 36.98 -25.28 -4.33
N THR B 148 36.04 -24.54 -3.72
CA THR B 148 35.45 -23.36 -4.35
C THR B 148 35.75 -22.11 -3.52
N ALA B 149 35.90 -20.97 -4.19
CA ALA B 149 36.16 -19.67 -3.56
C ALA B 149 35.05 -18.69 -3.96
N ALA B 150 34.80 -17.69 -3.12
CA ALA B 150 33.79 -16.67 -3.42
C ALA B 150 34.49 -15.35 -3.65
N LEU B 151 34.02 -14.60 -4.64
CA LEU B 151 34.49 -13.25 -4.94
C LEU B 151 33.28 -12.44 -5.41
N GLY B 152 33.41 -11.11 -5.42
CA GLY B 152 32.30 -10.26 -5.83
C GLY B 152 32.65 -8.81 -6.04
N CYS B 153 31.62 -7.98 -6.14
CA CYS B 153 31.74 -6.55 -6.36
C CYS B 153 30.72 -5.85 -5.47
N LEU B 154 31.15 -4.81 -4.75
CA LEU B 154 30.25 -4.00 -3.94
C LEU B 154 29.93 -2.76 -4.80
N VAL B 155 28.65 -2.61 -5.19
CA VAL B 155 28.15 -1.50 -6.01
C VAL B 155 27.48 -0.57 -5.01
N LYS B 156 28.20 0.47 -4.57
CA LYS B 156 27.77 1.36 -3.50
C LYS B 156 27.42 2.79 -3.93
N ASP B 157 26.53 3.45 -3.16
CA ASP B 157 26.17 4.85 -3.27
C ASP B 157 25.68 5.35 -4.64
N TYR B 158 24.63 4.71 -5.18
CA TYR B 158 24.01 5.12 -6.45
C TYR B 158 22.53 5.47 -6.25
N PHE B 159 21.97 6.26 -7.16
CA PHE B 159 20.56 6.63 -7.08
C PHE B 159 20.07 7.13 -8.43
N PRO B 160 18.85 6.79 -8.91
CA PRO B 160 17.86 5.83 -8.37
C PRO B 160 18.23 4.38 -8.73
N GLU B 161 17.35 3.43 -8.42
CA GLU B 161 17.50 2.06 -8.88
C GLU B 161 17.06 2.07 -10.38
N PRO B 162 17.46 1.08 -11.23
CA PRO B 162 18.30 -0.09 -10.96
C PRO B 162 19.76 0.02 -11.46
N VAL B 163 20.56 -1.00 -11.16
CA VAL B 163 21.88 -1.23 -11.74
C VAL B 163 21.83 -2.63 -12.32
N THR B 164 22.62 -2.87 -13.34
CA THR B 164 22.76 -4.20 -13.93
C THR B 164 24.21 -4.60 -13.67
N VAL B 165 24.44 -5.88 -13.32
CA VAL B 165 25.77 -6.39 -13.09
C VAL B 165 25.91 -7.67 -13.92
N SER B 166 26.99 -7.76 -14.71
CA SER B 166 27.36 -8.96 -15.45
C SER B 166 28.81 -9.29 -15.06
N TRP B 167 29.26 -10.51 -15.36
CA TRP B 167 30.62 -10.94 -15.04
C TRP B 167 31.28 -11.42 -16.32
N ASN B 168 32.51 -10.94 -16.59
CA ASN B 168 33.29 -11.25 -17.79
C ASN B 168 32.47 -10.97 -19.06
N SER B 169 31.84 -9.78 -19.10
CA SER B 169 30.99 -9.25 -20.17
C SER B 169 29.73 -10.09 -20.44
N GLY B 170 29.31 -10.89 -19.47
CA GLY B 170 28.16 -11.77 -19.59
C GLY B 170 28.50 -13.23 -19.82
N ALA B 171 29.80 -13.61 -19.81
CA ALA B 171 30.20 -15.00 -20.03
C ALA B 171 30.00 -15.81 -18.77
N LEU B 172 30.29 -15.25 -17.60
CA LEU B 172 30.12 -15.95 -16.34
C LEU B 172 28.71 -15.70 -15.77
N THR B 173 27.86 -16.72 -15.86
CA THR B 173 26.48 -16.70 -15.36
C THR B 173 26.28 -17.71 -14.22
N SER B 174 26.99 -18.85 -14.28
CA SER B 174 26.90 -19.92 -13.29
C SER B 174 27.42 -19.52 -11.91
N GLY B 175 26.62 -19.76 -10.87
CA GLY B 175 26.98 -19.45 -9.49
C GLY B 175 26.95 -17.98 -9.10
N VAL B 176 26.32 -17.12 -9.91
CA VAL B 176 26.26 -15.69 -9.65
C VAL B 176 25.03 -15.35 -8.81
N HIS B 177 25.20 -14.47 -7.81
CA HIS B 177 24.11 -13.99 -6.97
C HIS B 177 24.22 -12.49 -6.87
N THR B 178 23.33 -11.77 -7.58
CA THR B 178 23.28 -10.31 -7.50
C THR B 178 22.13 -10.04 -6.55
N PHE B 179 22.45 -9.60 -5.34
CA PHE B 179 21.47 -9.38 -4.30
C PHE B 179 20.58 -8.18 -4.58
N PRO B 180 19.32 -8.14 -4.08
CA PRO B 180 18.54 -6.90 -4.26
C PRO B 180 19.18 -5.76 -3.46
N ALA B 181 19.06 -4.53 -3.96
CA ALA B 181 19.65 -3.37 -3.32
C ALA B 181 18.92 -2.95 -2.05
N VAL B 182 19.66 -2.30 -1.14
CA VAL B 182 19.13 -1.77 0.10
C VAL B 182 19.31 -0.25 0.08
N LEU B 183 18.35 0.48 0.66
CA LEU B 183 18.42 1.93 0.75
C LEU B 183 19.14 2.25 2.06
N GLN B 184 20.27 2.95 1.97
CA GLN B 184 21.12 3.27 3.14
C GLN B 184 20.67 4.57 3.83
N SER B 185 21.20 4.86 5.05
CA SER B 185 20.90 6.09 5.81
C SER B 185 21.02 7.35 4.96
N SER B 186 22.01 7.37 4.04
CA SER B 186 22.32 8.48 3.14
C SER B 186 21.28 8.72 2.03
N GLY B 187 20.38 7.76 1.78
CA GLY B 187 19.39 7.87 0.73
C GLY B 187 19.87 7.35 -0.62
N LEU B 188 21.04 6.71 -0.65
CA LEU B 188 21.61 6.09 -1.83
C LEU B 188 21.54 4.56 -1.65
N TYR B 189 21.45 3.84 -2.77
CA TYR B 189 21.35 2.38 -2.80
C TYR B 189 22.73 1.72 -2.80
N SER B 190 22.76 0.46 -2.40
CA SER B 190 23.98 -0.34 -2.36
C SER B 190 23.61 -1.82 -2.54
N LEU B 191 24.41 -2.56 -3.31
CA LEU B 191 24.22 -3.99 -3.48
C LEU B 191 25.56 -4.71 -3.66
N SER B 192 25.56 -6.02 -3.46
CA SER B 192 26.73 -6.85 -3.70
C SER B 192 26.38 -7.86 -4.78
N SER B 193 27.36 -8.20 -5.61
CA SER B 193 27.19 -9.23 -6.62
C SER B 193 28.31 -10.20 -6.39
N VAL B 194 28.00 -11.42 -5.97
CA VAL B 194 28.99 -12.43 -5.66
C VAL B 194 28.94 -13.60 -6.65
N VAL B 195 30.01 -14.39 -6.70
CA VAL B 195 30.10 -15.55 -7.58
C VAL B 195 31.04 -16.58 -6.94
N THR B 196 30.65 -17.86 -6.92
CA THR B 196 31.48 -18.93 -6.39
C THR B 196 32.13 -19.59 -7.60
N VAL B 197 33.46 -19.62 -7.61
CA VAL B 197 34.25 -20.15 -8.73
C VAL B 197 35.26 -21.19 -8.22
N PRO B 198 35.85 -22.07 -9.08
CA PRO B 198 36.86 -23.01 -8.57
C PRO B 198 38.05 -22.27 -7.98
N SER B 199 38.56 -22.77 -6.85
CA SER B 199 39.69 -22.15 -6.17
C SER B 199 40.96 -22.29 -7.01
N SER B 200 41.13 -23.43 -7.73
CA SER B 200 42.30 -23.67 -8.59
C SER B 200 42.41 -22.68 -9.76
N SER B 201 41.28 -22.13 -10.25
CA SER B 201 41.28 -21.17 -11.36
C SER B 201 41.62 -19.72 -10.94
N LEU B 202 41.84 -19.41 -9.65
CA LEU B 202 42.12 -18.03 -9.23
C LEU B 202 43.44 -17.46 -9.74
N GLY B 203 44.40 -18.32 -10.03
CA GLY B 203 45.68 -17.89 -10.57
C GLY B 203 45.61 -17.55 -12.06
N THR B 204 44.90 -18.38 -12.85
CA THR B 204 44.79 -18.19 -14.30
C THR B 204 43.59 -17.31 -14.75
N GLN B 205 42.35 -17.66 -14.37
CA GLN B 205 41.14 -16.96 -14.83
C GLN B 205 40.92 -15.59 -14.19
N THR B 206 40.76 -14.53 -15.02
CA THR B 206 40.48 -13.18 -14.52
C THR B 206 38.97 -13.02 -14.33
N TYR B 207 38.56 -12.21 -13.35
CA TYR B 207 37.16 -11.94 -13.08
C TYR B 207 36.95 -10.44 -13.05
N ILE B 208 35.98 -9.95 -13.84
CA ILE B 208 35.67 -8.52 -13.95
C ILE B 208 34.16 -8.37 -13.90
N CYS B 209 33.64 -7.55 -12.97
CA CYS B 209 32.21 -7.28 -12.93
C CYS B 209 31.95 -6.01 -13.76
N ASN B 210 30.88 -6.02 -14.54
CA ASN B 210 30.53 -4.92 -15.42
C ASN B 210 29.25 -4.34 -14.87
N VAL B 211 29.31 -3.12 -14.37
CA VAL B 211 28.16 -2.47 -13.75
C VAL B 211 27.69 -1.37 -14.68
N ASN B 212 26.37 -1.31 -14.94
CA ASN B 212 25.79 -0.27 -15.78
C ASN B 212 24.63 0.38 -15.01
N HIS B 213 24.71 1.69 -14.79
CA HIS B 213 23.68 2.47 -14.12
C HIS B 213 23.15 3.39 -15.20
N LYS B 214 22.10 2.94 -15.89
CA LYS B 214 21.53 3.71 -16.98
C LYS B 214 21.01 5.10 -16.56
N PRO B 215 20.38 5.31 -15.37
CA PRO B 215 19.92 6.68 -15.02
C PRO B 215 20.97 7.78 -15.10
N SER B 216 22.24 7.47 -14.78
CA SER B 216 23.31 8.46 -14.86
C SER B 216 24.33 8.19 -15.99
N ASN B 217 24.07 7.19 -16.88
CA ASN B 217 24.95 6.81 -17.99
C ASN B 217 26.35 6.46 -17.48
N THR B 218 26.42 5.60 -16.45
CA THR B 218 27.67 5.20 -15.83
C THR B 218 27.94 3.72 -16.19
N LYS B 219 29.15 3.41 -16.62
CA LYS B 219 29.54 2.04 -16.94
C LYS B 219 30.90 1.84 -16.28
N VAL B 220 30.96 1.01 -15.23
CA VAL B 220 32.18 0.75 -14.49
C VAL B 220 32.56 -0.73 -14.62
N ASP B 221 33.79 -1.01 -15.08
CA ASP B 221 34.32 -2.36 -15.15
C ASP B 221 35.32 -2.47 -13.98
N LYS B 222 35.19 -3.51 -13.14
CA LYS B 222 36.08 -3.65 -11.99
C LYS B 222 36.67 -5.05 -11.95
N LYS B 223 38.02 -5.15 -11.96
CA LYS B 223 38.73 -6.44 -11.90
C LYS B 223 38.86 -6.87 -10.44
N VAL B 224 38.45 -8.11 -10.13
CA VAL B 224 38.51 -8.66 -8.78
C VAL B 224 39.62 -9.69 -8.76
N GLU B 225 40.72 -9.39 -8.06
CA GLU B 225 41.90 -10.26 -8.00
C GLU B 225 42.20 -10.72 -6.57
N PRO B 226 42.90 -11.86 -6.34
CA PRO B 226 43.31 -12.18 -4.97
C PRO B 226 44.26 -11.14 -4.39
N LYS B 227 44.34 -11.06 -3.04
CA LYS B 227 45.19 -10.11 -2.28
C LYS B 227 44.68 -8.69 -2.45
N ASP C 1 -5.16 -15.67 7.49
CA ASP C 1 -5.66 -14.40 7.99
C ASP C 1 -7.05 -14.11 7.40
N ILE C 2 -7.90 -13.39 8.16
CA ILE C 2 -9.25 -13.05 7.71
C ILE C 2 -9.19 -11.77 6.85
N VAL C 3 -9.78 -11.81 5.65
CA VAL C 3 -9.82 -10.66 4.75
C VAL C 3 -11.16 -9.94 4.94
N MET C 4 -11.12 -8.63 5.20
CA MET C 4 -12.31 -7.81 5.39
C MET C 4 -12.54 -6.96 4.15
N THR C 5 -13.72 -7.09 3.54
CA THR C 5 -14.09 -6.31 2.35
C THR C 5 -15.32 -5.45 2.68
N GLN C 6 -15.50 -4.34 1.95
CA GLN C 6 -16.63 -3.43 2.14
C GLN C 6 -17.19 -3.16 0.75
N SER C 7 -18.49 -3.47 0.54
CA SER C 7 -19.08 -3.41 -0.81
C SER C 7 -19.14 -1.98 -1.43
N PRO C 8 -19.72 -0.91 -0.79
CA PRO C 8 -19.67 0.42 -1.46
C PRO C 8 -18.33 1.12 -1.17
N ASP C 9 -17.62 1.60 -2.20
CA ASP C 9 -16.36 2.32 -2.00
C ASP C 9 -16.64 3.74 -1.53
N SER C 10 -17.65 4.38 -2.13
CA SER C 10 -18.13 5.74 -1.83
C SER C 10 -19.66 5.70 -1.79
N LEU C 11 -20.27 6.68 -1.09
CA LEU C 11 -21.73 6.75 -0.97
C LEU C 11 -22.18 8.19 -0.73
N ALA C 12 -22.81 8.81 -1.73
CA ALA C 12 -23.35 10.17 -1.62
C ALA C 12 -24.85 10.06 -1.34
N VAL C 13 -25.29 10.58 -0.18
CA VAL C 13 -26.68 10.51 0.29
C VAL C 13 -27.09 11.90 0.80
N SER C 14 -28.31 12.36 0.47
CA SER C 14 -28.79 13.69 0.91
C SER C 14 -28.97 13.79 2.44
N LEU C 15 -29.03 15.01 2.98
CA LEU C 15 -29.20 15.22 4.42
C LEU C 15 -30.53 14.60 4.90
N GLY C 16 -30.49 13.90 6.02
CA GLY C 16 -31.65 13.26 6.62
C GLY C 16 -32.02 11.90 6.04
N GLU C 17 -31.32 11.44 5.00
CA GLU C 17 -31.63 10.18 4.34
C GLU C 17 -30.81 9.01 4.88
N ARG C 18 -31.31 7.78 4.68
CA ARG C 18 -30.64 6.57 5.17
C ARG C 18 -29.38 6.28 4.35
N ALA C 19 -28.33 5.81 5.03
CA ALA C 19 -27.07 5.44 4.39
C ALA C 19 -26.66 4.09 4.95
N THR C 20 -26.66 3.05 4.10
CA THR C 20 -26.33 1.69 4.52
C THR C 20 -25.08 1.21 3.78
N ILE C 21 -24.07 0.78 4.54
CA ILE C 21 -22.80 0.28 4.02
C ILE C 21 -22.59 -1.18 4.50
N ASN C 22 -21.95 -1.98 3.66
CA ASN C 22 -21.76 -3.41 3.90
C ASN C 22 -20.32 -3.78 4.20
N CYS C 23 -20.15 -4.91 4.90
CA CYS C 23 -18.85 -5.46 5.25
C CYS C 23 -18.95 -6.99 5.23
N LYS C 24 -17.85 -7.65 4.87
CA LYS C 24 -17.78 -9.10 4.81
C LYS C 24 -16.44 -9.56 5.35
N SER C 25 -16.41 -10.77 5.91
CA SER C 25 -15.20 -11.41 6.43
C SER C 25 -15.04 -12.73 5.68
N SER C 26 -13.81 -13.06 5.22
CA SER C 26 -13.57 -14.29 4.46
C SER C 26 -13.94 -15.57 5.23
N GLN C 27 -13.85 -15.52 6.57
CA GLN C 27 -14.20 -16.61 7.48
C GLN C 27 -15.16 -16.05 8.56
N THR C 28 -15.96 -16.92 9.19
CA THR C 28 -16.89 -16.44 10.21
C THR C 28 -16.17 -15.82 11.39
N VAL C 29 -16.78 -14.78 11.97
CA VAL C 29 -16.27 -14.09 13.16
C VAL C 29 -17.24 -14.29 14.36
N LEU C 30 -18.18 -15.25 14.28
CA LEU C 30 -19.10 -15.59 15.35
C LEU C 30 -18.39 -16.66 16.14
N TYR C 31 -18.07 -16.41 17.41
CA TYR C 31 -17.45 -17.42 18.23
C TYR C 31 -18.59 -18.28 18.73
N SER C 32 -18.68 -19.51 18.22
CA SER C 32 -19.78 -20.42 18.59
C SER C 32 -19.98 -20.58 20.10
N SER C 33 -18.90 -20.68 20.88
CA SER C 33 -18.98 -20.90 22.33
C SER C 33 -19.75 -19.81 23.13
N ASN C 34 -19.79 -18.54 22.63
CA ASN C 34 -20.52 -17.45 23.31
C ASN C 34 -21.56 -16.73 22.42
N ASN C 35 -21.67 -17.10 21.14
CA ASN C 35 -22.60 -16.51 20.16
C ASN C 35 -22.38 -15.00 19.94
N LYS C 36 -21.11 -14.54 20.03
CA LYS C 36 -20.76 -13.12 19.84
C LYS C 36 -19.97 -12.93 18.57
N LYS C 37 -20.32 -11.89 17.80
CA LYS C 37 -19.64 -11.56 16.56
C LYS C 37 -18.49 -10.63 16.88
N TYR C 38 -17.27 -11.06 16.66
CA TYR C 38 -16.09 -10.25 16.96
C TYR C 38 -15.82 -9.29 15.81
N LEU C 39 -16.76 -8.34 15.61
CA LEU C 39 -16.66 -7.32 14.58
C LEU C 39 -16.97 -5.95 15.17
N ALA C 40 -16.19 -4.94 14.76
CA ALA C 40 -16.34 -3.56 15.19
C ALA C 40 -16.41 -2.61 13.98
N TRP C 41 -17.02 -1.44 14.16
CA TRP C 41 -17.10 -0.40 13.13
C TRP C 41 -16.47 0.87 13.68
N TYR C 42 -15.80 1.62 12.80
CA TYR C 42 -15.14 2.86 13.15
C TYR C 42 -15.51 3.95 12.18
N GLN C 43 -15.52 5.20 12.67
CA GLN C 43 -15.76 6.40 11.89
C GLN C 43 -14.44 7.17 11.91
N GLN C 44 -13.88 7.53 10.76
CA GLN C 44 -12.65 8.31 10.72
C GLN C 44 -12.83 9.58 9.89
N LYS C 45 -12.62 10.75 10.53
CA LYS C 45 -12.67 12.06 9.88
C LYS C 45 -11.23 12.52 9.56
N PRO C 46 -10.98 13.38 8.53
CA PRO C 46 -9.59 13.75 8.20
C PRO C 46 -8.74 14.32 9.33
N GLY C 47 -7.47 13.90 9.38
CA GLY C 47 -6.51 14.32 10.38
C GLY C 47 -6.86 13.92 11.80
N GLN C 48 -7.65 12.85 11.96
CA GLN C 48 -8.09 12.36 13.27
C GLN C 48 -8.02 10.83 13.29
N PRO C 49 -7.85 10.20 14.48
CA PRO C 49 -7.84 8.72 14.51
C PRO C 49 -9.24 8.12 14.34
N PRO C 50 -9.39 6.81 13.99
CA PRO C 50 -10.74 6.24 13.91
C PRO C 50 -11.43 6.22 15.29
N ASN C 51 -12.74 6.52 15.35
CA ASN C 51 -13.53 6.50 16.59
C ASN C 51 -14.37 5.24 16.55
N LEU C 52 -14.40 4.46 17.64
CA LEU C 52 -15.20 3.25 17.71
C LEU C 52 -16.68 3.61 17.75
N LEU C 53 -17.49 3.06 16.81
CA LEU C 53 -18.92 3.32 16.82
C LEU C 53 -19.70 2.13 17.38
N ILE C 54 -19.40 0.91 16.88
CA ILE C 54 -20.12 -0.32 17.21
C ILE C 54 -19.14 -1.46 17.44
N TYR C 55 -19.49 -2.39 18.34
CA TYR C 55 -18.73 -3.59 18.66
C TYR C 55 -19.72 -4.74 18.96
N TRP C 56 -19.25 -5.99 18.85
CA TRP C 56 -20.11 -7.19 18.92
C TRP C 56 -21.20 -7.13 17.84
N ALA C 57 -20.85 -6.54 16.64
CA ALA C 57 -21.70 -6.31 15.48
C ALA C 57 -22.88 -5.33 15.71
N SER C 58 -23.57 -5.36 16.88
CA SER C 58 -24.76 -4.52 17.16
C SER C 58 -24.63 -3.54 18.33
N THR C 59 -23.73 -3.78 19.30
CA THR C 59 -23.63 -2.91 20.49
C THR C 59 -22.99 -1.57 20.14
N ARG C 60 -23.70 -0.48 20.41
CA ARG C 60 -23.20 0.86 20.16
C ARG C 60 -22.29 1.36 21.29
N GLU C 61 -21.17 1.99 20.95
CA GLU C 61 -20.24 2.54 21.92
C GLU C 61 -20.89 3.73 22.63
N SER C 62 -20.44 4.01 23.86
CA SER C 62 -20.91 5.14 24.64
C SER C 62 -20.67 6.44 23.87
N GLY C 63 -21.69 7.29 23.81
CA GLY C 63 -21.59 8.57 23.12
C GLY C 63 -22.01 8.61 21.67
N VAL C 64 -22.36 7.46 21.03
CA VAL C 64 -22.77 7.49 19.61
C VAL C 64 -24.31 7.53 19.54
N PRO C 65 -24.91 8.37 18.65
CA PRO C 65 -26.38 8.47 18.63
C PRO C 65 -27.12 7.24 18.11
N ASP C 66 -28.45 7.20 18.37
CA ASP C 66 -29.35 6.12 17.93
C ASP C 66 -29.37 5.92 16.40
N ARG C 67 -29.10 6.98 15.61
CA ARG C 67 -29.11 6.87 14.15
C ARG C 67 -28.09 5.86 13.62
N PHE C 68 -27.00 5.62 14.35
CA PHE C 68 -26.00 4.61 13.97
C PHE C 68 -26.46 3.26 14.50
N SER C 69 -26.50 2.23 13.66
CA SER C 69 -26.91 0.90 14.07
C SER C 69 -26.15 -0.16 13.28
N GLY C 70 -25.94 -1.30 13.91
CA GLY C 70 -25.20 -2.40 13.30
C GLY C 70 -26.03 -3.67 13.31
N SER C 71 -25.91 -4.45 12.24
CA SER C 71 -26.66 -5.70 12.09
C SER C 71 -25.82 -6.70 11.24
N GLY C 72 -26.44 -7.75 10.72
CA GLY C 72 -25.74 -8.78 9.98
C GLY C 72 -25.04 -9.73 10.92
N SER C 73 -24.69 -10.94 10.45
CA SER C 73 -24.11 -11.93 11.34
C SER C 73 -23.33 -13.04 10.66
N GLY C 74 -22.26 -13.46 11.34
CA GLY C 74 -21.35 -14.51 10.91
C GLY C 74 -20.24 -13.97 10.04
N THR C 75 -20.57 -13.74 8.76
CA THR C 75 -19.66 -13.25 7.74
C THR C 75 -20.11 -11.90 7.14
N ASP C 76 -21.42 -11.67 6.95
CA ASP C 76 -21.90 -10.42 6.34
C ASP C 76 -22.48 -9.46 7.35
N PHE C 77 -21.96 -8.22 7.37
CA PHE C 77 -22.29 -7.17 8.31
C PHE C 77 -22.80 -5.91 7.61
N THR C 78 -23.57 -5.10 8.34
CA THR C 78 -24.16 -3.87 7.83
C THR C 78 -24.06 -2.75 8.87
N LEU C 79 -23.73 -1.52 8.44
CA LEU C 79 -23.71 -0.33 9.29
C LEU C 79 -24.73 0.61 8.67
N THR C 80 -25.76 1.00 9.43
CA THR C 80 -26.85 1.85 8.93
C THR C 80 -26.91 3.17 9.68
N ILE C 81 -27.09 4.28 8.94
CA ILE C 81 -27.26 5.61 9.53
C ILE C 81 -28.66 5.98 9.06
N SER C 82 -29.63 5.98 10.00
CA SER C 82 -31.04 6.23 9.70
C SER C 82 -31.33 7.61 9.11
N SER C 83 -30.58 8.62 9.52
CA SER C 83 -30.80 10.00 9.06
C SER C 83 -29.44 10.67 9.00
N LEU C 84 -28.75 10.52 7.87
CA LEU C 84 -27.41 11.06 7.72
C LEU C 84 -27.33 12.56 7.96
N GLN C 85 -26.53 12.98 8.95
CA GLN C 85 -26.35 14.38 9.30
C GLN C 85 -25.06 14.94 8.67
N ALA C 86 -24.96 16.29 8.60
CA ALA C 86 -23.82 16.96 7.98
C ALA C 86 -22.49 16.57 8.61
N GLU C 87 -22.46 16.43 9.95
CA GLU C 87 -21.26 16.03 10.67
C GLU C 87 -20.84 14.57 10.44
N ASP C 88 -21.72 13.69 9.91
CA ASP C 88 -21.40 12.27 9.68
C ASP C 88 -20.48 12.00 8.48
N VAL C 89 -20.03 13.04 7.74
CA VAL C 89 -19.13 12.81 6.60
C VAL C 89 -17.78 12.29 7.14
N ALA C 90 -17.46 11.04 6.81
CA ALA C 90 -16.25 10.36 7.30
C ALA C 90 -16.00 9.06 6.46
N VAL C 91 -14.83 8.39 6.65
CA VAL C 91 -14.55 7.10 6.04
C VAL C 91 -14.89 6.08 7.13
N TYR C 92 -15.82 5.16 6.85
CA TYR C 92 -16.25 4.16 7.82
C TYR C 92 -15.53 2.84 7.54
N TYR C 93 -15.02 2.18 8.60
CA TYR C 93 -14.27 0.93 8.47
C TYR C 93 -14.84 -0.14 9.36
N CYS C 94 -14.86 -1.38 8.90
CA CYS C 94 -15.23 -2.51 9.74
C CYS C 94 -13.90 -3.18 10.15
N GLN C 95 -13.93 -3.99 11.20
CA GLN C 95 -12.72 -4.64 11.70
C GLN C 95 -13.10 -5.88 12.45
N GLN C 96 -12.30 -6.92 12.29
CA GLN C 96 -12.52 -8.19 12.95
C GLN C 96 -11.50 -8.31 14.11
N TYR C 97 -11.96 -8.73 15.29
CA TYR C 97 -11.09 -8.98 16.44
C TYR C 97 -11.33 -10.42 16.95
N TYR C 98 -11.54 -11.37 16.01
CA TYR C 98 -11.81 -12.78 16.27
C TYR C 98 -10.49 -13.57 16.36
N SER C 99 -9.63 -13.47 15.34
CA SER C 99 -8.37 -14.19 15.30
C SER C 99 -7.21 -13.29 14.92
N THR C 100 -6.00 -13.62 15.40
CA THR C 100 -4.83 -12.82 15.09
C THR C 100 -4.33 -13.22 13.69
N PRO C 101 -3.91 -12.26 12.83
CA PRO C 101 -3.84 -10.80 13.05
C PRO C 101 -5.21 -10.14 12.93
N PHE C 102 -5.48 -9.11 13.75
CA PHE C 102 -6.75 -8.39 13.64
C PHE C 102 -6.67 -7.58 12.32
N THR C 103 -7.74 -7.63 11.52
CA THR C 103 -7.76 -6.99 10.21
C THR C 103 -8.94 -6.04 10.04
N PHE C 104 -8.70 -4.99 9.25
CA PHE C 104 -9.63 -3.90 8.94
C PHE C 104 -10.12 -3.99 7.50
N GLY C 105 -11.29 -3.42 7.24
CA GLY C 105 -11.83 -3.31 5.89
C GLY C 105 -11.14 -2.18 5.15
N PRO C 106 -11.36 -2.05 3.82
CA PRO C 106 -10.71 -0.94 3.08
C PRO C 106 -11.31 0.46 3.32
N GLY C 107 -12.51 0.52 3.88
CA GLY C 107 -13.20 1.77 4.16
C GLY C 107 -14.22 2.15 3.11
N THR C 108 -15.26 2.90 3.52
CA THR C 108 -16.32 3.40 2.65
C THR C 108 -16.43 4.90 2.93
N LYS C 109 -16.15 5.74 1.94
CA LYS C 109 -16.24 7.18 2.10
C LYS C 109 -17.72 7.58 2.03
N VAL C 110 -18.30 8.13 3.11
CA VAL C 110 -19.70 8.56 3.12
C VAL C 110 -19.71 10.08 2.97
N GLU C 111 -20.54 10.59 2.03
CA GLU C 111 -20.62 12.00 1.69
C GLU C 111 -22.05 12.49 1.62
N ILE C 112 -22.25 13.81 1.75
CA ILE C 112 -23.55 14.46 1.69
C ILE C 112 -23.79 15.00 0.28
N LYS C 113 -24.99 14.72 -0.26
CA LYS C 113 -25.47 15.21 -1.54
C LYS C 113 -26.28 16.48 -1.17
N ARG C 114 -25.94 17.63 -1.78
CA ARG C 114 -26.61 18.89 -1.43
C ARG C 114 -26.85 19.82 -2.64
N THR C 115 -27.50 20.99 -2.43
CA THR C 115 -27.75 21.94 -3.51
C THR C 115 -26.42 22.49 -4.05
N VAL C 116 -26.43 22.92 -5.31
CA VAL C 116 -25.24 23.46 -5.97
C VAL C 116 -24.90 24.82 -5.32
N ALA C 117 -23.62 25.03 -4.96
CA ALA C 117 -23.14 26.27 -4.35
C ALA C 117 -21.93 26.75 -5.13
N ALA C 118 -21.94 28.01 -5.59
CA ALA C 118 -20.84 28.57 -6.37
C ALA C 118 -19.68 29.02 -5.45
N PRO C 119 -18.39 28.95 -5.88
CA PRO C 119 -17.31 29.40 -4.98
C PRO C 119 -17.16 30.91 -4.91
N SER C 120 -16.51 31.39 -3.85
CA SER C 120 -16.16 32.80 -3.68
C SER C 120 -14.68 32.81 -4.04
N VAL C 121 -14.32 33.40 -5.19
CA VAL C 121 -12.95 33.38 -5.69
C VAL C 121 -12.16 34.60 -5.21
N PHE C 122 -10.95 34.37 -4.67
CA PHE C 122 -10.08 35.44 -4.18
C PHE C 122 -8.65 35.20 -4.68
N ILE C 123 -8.06 36.20 -5.36
CA ILE C 123 -6.67 36.11 -5.84
C ILE C 123 -5.77 36.78 -4.80
N PHE C 124 -4.64 36.13 -4.44
CA PHE C 124 -3.70 36.62 -3.45
C PHE C 124 -2.33 36.88 -4.09
N PRO C 125 -1.84 38.13 -4.14
CA PRO C 125 -0.51 38.36 -4.74
C PRO C 125 0.66 37.90 -3.84
N PRO C 126 1.88 37.68 -4.38
CA PRO C 126 2.99 37.29 -3.48
C PRO C 126 3.45 38.46 -2.62
N SER C 127 3.79 38.20 -1.35
CA SER C 127 4.23 39.24 -0.44
C SER C 127 5.62 39.75 -0.80
N ASP C 128 5.95 41.00 -0.41
CA ASP C 128 7.27 41.58 -0.67
C ASP C 128 8.39 40.85 0.09
N GLU C 129 8.07 40.13 1.18
CA GLU C 129 9.04 39.33 1.94
C GLU C 129 9.43 38.08 1.11
N GLN C 130 8.46 37.49 0.41
CA GLN C 130 8.64 36.32 -0.45
C GLN C 130 9.41 36.67 -1.72
N LEU C 131 9.08 37.82 -2.34
CA LEU C 131 9.74 38.26 -3.57
C LEU C 131 11.25 38.52 -3.39
N LYS C 132 11.66 39.00 -2.21
CA LYS C 132 13.08 39.24 -1.93
C LYS C 132 13.86 37.91 -1.92
N SER C 133 13.21 36.80 -1.49
CA SER C 133 13.83 35.48 -1.48
C SER C 133 13.96 34.82 -2.89
N GLY C 134 13.62 35.55 -3.95
CA GLY C 134 13.76 35.06 -5.33
C GLY C 134 12.68 34.14 -5.86
N THR C 135 11.52 34.02 -5.18
CA THR C 135 10.44 33.14 -5.61
C THR C 135 9.11 33.84 -5.38
N ALA C 136 8.21 33.81 -6.38
CA ALA C 136 6.90 34.46 -6.31
C ALA C 136 5.81 33.42 -6.60
N SER C 137 4.85 33.23 -5.67
CA SER C 137 3.76 32.28 -5.86
C SER C 137 2.42 32.98 -5.63
N VAL C 138 1.48 32.80 -6.56
CA VAL C 138 0.15 33.41 -6.52
C VAL C 138 -0.83 32.33 -6.08
N VAL C 139 -1.68 32.61 -5.09
CA VAL C 139 -2.65 31.65 -4.58
C VAL C 139 -4.07 32.11 -4.93
N CYS C 140 -4.87 31.23 -5.52
CA CYS C 140 -6.27 31.51 -5.88
C CYS C 140 -7.16 30.62 -5.00
N LEU C 141 -7.98 31.23 -4.15
CA LEU C 141 -8.86 30.51 -3.24
C LEU C 141 -10.27 30.40 -3.82
N LEU C 142 -10.86 29.19 -3.78
CA LEU C 142 -12.25 28.93 -4.18
C LEU C 142 -12.94 28.52 -2.88
N ASN C 143 -13.51 29.48 -2.16
CA ASN C 143 -14.10 29.21 -0.85
C ASN C 143 -15.52 28.65 -0.92
N ASN C 144 -15.76 27.53 -0.21
CA ASN C 144 -17.07 26.86 -0.07
C ASN C 144 -17.88 26.73 -1.35
N PHE C 145 -17.90 25.53 -1.94
CA PHE C 145 -18.66 25.26 -3.16
C PHE C 145 -19.09 23.79 -3.25
N TYR C 146 -20.13 23.52 -4.07
CA TYR C 146 -20.61 22.15 -4.30
C TYR C 146 -21.17 22.05 -5.73
N PRO C 147 -20.89 20.99 -6.54
CA PRO C 147 -20.07 19.79 -6.24
C PRO C 147 -18.56 20.06 -6.22
N ARG C 148 -17.75 19.02 -5.89
CA ARG C 148 -16.29 19.13 -5.85
C ARG C 148 -15.68 19.50 -7.20
N GLU C 149 -16.29 19.06 -8.31
CA GLU C 149 -15.77 19.29 -9.66
C GLU C 149 -15.69 20.78 -10.00
N ALA C 150 -14.47 21.32 -10.11
CA ALA C 150 -14.22 22.72 -10.43
C ALA C 150 -12.88 22.84 -11.16
N LYS C 151 -12.85 23.52 -12.31
CA LYS C 151 -11.62 23.69 -13.09
C LYS C 151 -11.06 25.10 -12.92
N VAL C 152 -9.79 25.20 -12.48
CA VAL C 152 -9.10 26.48 -12.32
C VAL C 152 -8.03 26.58 -13.41
N GLN C 153 -7.96 27.73 -14.09
CA GLN C 153 -6.99 27.97 -15.16
C GLN C 153 -6.27 29.29 -14.89
N TRP C 154 -4.93 29.26 -14.86
CA TRP C 154 -4.12 30.46 -14.64
C TRP C 154 -3.82 31.10 -15.99
N LYS C 155 -3.94 32.43 -16.08
CA LYS C 155 -3.67 33.17 -17.31
C LYS C 155 -2.84 34.42 -17.01
N VAL C 156 -1.57 34.41 -17.44
CA VAL C 156 -0.66 35.55 -17.24
C VAL C 156 -0.66 36.33 -18.55
N ASP C 157 -1.23 37.55 -18.56
CA ASP C 157 -1.36 38.40 -19.75
C ASP C 157 -2.10 37.65 -20.86
N ASN C 158 -3.26 37.04 -20.51
CA ASN C 158 -4.09 36.23 -21.40
C ASN C 158 -3.28 35.11 -22.07
N ALA C 159 -2.81 34.15 -21.26
CA ALA C 159 -2.04 33.00 -21.74
C ALA C 159 -2.14 31.86 -20.73
N LEU C 160 -2.73 30.72 -21.11
CA LEU C 160 -2.90 29.58 -20.20
C LEU C 160 -1.54 29.06 -19.73
N GLN C 161 -1.38 28.82 -18.41
CA GLN C 161 -0.13 28.36 -17.81
C GLN C 161 -0.15 26.85 -17.56
N SER C 162 0.28 26.06 -18.55
CA SER C 162 0.33 24.61 -18.42
C SER C 162 1.64 24.19 -17.73
N GLY C 163 1.54 23.51 -16.59
CA GLY C 163 2.71 22.98 -15.90
C GLY C 163 2.94 23.46 -14.48
N ASN C 164 3.40 24.71 -14.32
CA ASN C 164 3.75 25.26 -13.01
C ASN C 164 2.56 25.72 -12.16
N SER C 165 1.63 24.80 -11.89
CA SER C 165 0.43 25.04 -11.08
C SER C 165 0.17 23.81 -10.21
N GLN C 166 -0.07 24.00 -8.91
CA GLN C 166 -0.36 22.90 -7.98
C GLN C 166 -1.60 23.27 -7.16
N GLU C 167 -2.62 22.40 -7.11
CA GLU C 167 -3.83 22.71 -6.36
C GLU C 167 -4.17 21.64 -5.31
N SER C 168 -4.68 22.10 -4.16
CA SER C 168 -5.10 21.26 -3.03
C SER C 168 -6.59 21.46 -2.80
N VAL C 169 -7.25 20.49 -2.18
CA VAL C 169 -8.69 20.57 -1.93
C VAL C 169 -9.01 20.00 -0.55
N THR C 170 -9.79 20.74 0.24
CA THR C 170 -10.18 20.29 1.58
C THR C 170 -11.29 19.25 1.46
N GLU C 171 -11.52 18.46 2.52
CA GLU C 171 -12.60 17.48 2.52
C GLU C 171 -13.95 18.18 2.75
N GLN C 172 -15.06 17.49 2.48
CA GLN C 172 -16.41 18.05 2.65
C GLN C 172 -16.62 18.63 4.06
N ASP C 173 -17.00 19.91 4.14
CA ASP C 173 -17.19 20.60 5.42
C ASP C 173 -18.21 19.88 6.30
N SER C 174 -17.93 19.82 7.61
CA SER C 174 -18.80 19.16 8.56
C SER C 174 -20.07 19.95 8.88
N LYS C 175 -20.14 21.25 8.55
CA LYS C 175 -21.30 22.08 8.86
C LYS C 175 -22.21 22.31 7.64
N ASP C 176 -21.66 22.81 6.52
CA ASP C 176 -22.47 23.08 5.31
C ASP C 176 -22.20 22.13 4.14
N SER C 177 -21.36 21.10 4.33
CA SER C 177 -21.05 20.08 3.33
C SER C 177 -20.50 20.62 1.98
N THR C 178 -19.68 21.67 2.04
CA THR C 178 -19.04 22.25 0.85
C THR C 178 -17.54 21.96 0.83
N TYR C 179 -16.94 22.00 -0.37
CA TYR C 179 -15.51 21.80 -0.58
C TYR C 179 -14.83 23.17 -0.82
N SER C 180 -13.51 23.24 -0.63
CA SER C 180 -12.72 24.45 -0.88
C SER C 180 -11.44 24.02 -1.60
N LEU C 181 -10.99 24.81 -2.59
CA LEU C 181 -9.80 24.50 -3.38
C LEU C 181 -8.80 25.67 -3.35
N SER C 182 -7.49 25.35 -3.40
CA SER C 182 -6.39 26.32 -3.35
C SER C 182 -5.39 26.05 -4.47
N SER C 183 -5.46 26.82 -5.57
CA SER C 183 -4.53 26.69 -6.69
C SER C 183 -3.32 27.62 -6.47
N THR C 184 -2.10 27.15 -6.74
CA THR C 184 -0.86 27.92 -6.55
C THR C 184 -0.01 27.89 -7.82
N LEU C 185 0.33 29.08 -8.36
CA LEU C 185 1.17 29.24 -9.53
C LEU C 185 2.53 29.73 -9.05
N THR C 186 3.58 28.89 -9.13
CA THR C 186 4.92 29.28 -8.68
C THR C 186 5.79 29.72 -9.86
N LEU C 187 6.36 30.93 -9.76
CA LEU C 187 7.24 31.53 -10.77
C LEU C 187 8.49 32.08 -10.09
N SER C 188 9.59 32.21 -10.84
CA SER C 188 10.81 32.83 -10.30
C SER C 188 10.62 34.36 -10.27
N LYS C 189 11.51 35.10 -9.59
CA LYS C 189 11.41 36.56 -9.53
C LYS C 189 11.58 37.15 -10.94
N ALA C 190 12.56 36.64 -11.71
CA ALA C 190 12.80 37.11 -13.07
C ALA C 190 11.57 36.90 -13.99
N ASP C 191 10.96 35.71 -13.96
CA ASP C 191 9.78 35.42 -14.77
C ASP C 191 8.53 36.19 -14.28
N TYR C 192 8.42 36.42 -12.96
CA TYR C 192 7.28 37.15 -12.41
C TYR C 192 7.34 38.64 -12.78
N GLU C 193 8.54 39.24 -12.76
CA GLU C 193 8.70 40.66 -13.11
C GLU C 193 8.51 40.96 -14.61
N LYS C 194 8.40 39.93 -15.46
CA LYS C 194 8.23 40.14 -16.91
C LYS C 194 6.84 40.66 -17.30
N HIS C 195 5.79 40.10 -16.68
CA HIS C 195 4.40 40.44 -16.98
C HIS C 195 3.70 41.23 -15.83
N LYS C 196 2.56 41.89 -16.14
CA LYS C 196 1.81 42.71 -15.18
C LYS C 196 0.44 42.11 -14.79
N VAL C 197 -0.34 41.65 -15.79
CA VAL C 197 -1.69 41.10 -15.54
C VAL C 197 -1.62 39.61 -15.16
N TYR C 198 -2.14 39.24 -13.97
CA TYR C 198 -2.16 37.87 -13.48
C TYR C 198 -3.60 37.49 -13.14
N ALA C 199 -4.27 36.77 -14.04
CA ALA C 199 -5.67 36.37 -13.89
C ALA C 199 -5.82 34.93 -13.42
N CYS C 200 -6.97 34.63 -12.79
CA CYS C 200 -7.32 33.30 -12.30
C CYS C 200 -8.76 33.00 -12.74
N GLU C 201 -8.94 32.22 -13.82
CA GLU C 201 -10.26 31.88 -14.34
C GLU C 201 -10.80 30.64 -13.64
N VAL C 202 -12.02 30.73 -13.07
CA VAL C 202 -12.68 29.65 -12.35
C VAL C 202 -13.95 29.23 -13.09
N THR C 203 -14.05 27.94 -13.47
CA THR C 203 -15.21 27.39 -14.17
C THR C 203 -15.86 26.38 -13.22
N HIS C 204 -17.15 26.57 -12.89
CA HIS C 204 -17.88 25.70 -11.96
C HIS C 204 -19.34 25.52 -12.39
N GLN C 205 -20.04 24.53 -11.82
CA GLN C 205 -21.44 24.26 -12.15
C GLN C 205 -22.36 25.40 -11.70
N GLY C 206 -22.07 25.99 -10.55
CA GLY C 206 -22.86 27.10 -10.02
C GLY C 206 -22.70 28.44 -10.74
N LEU C 207 -21.73 28.56 -11.66
CA LEU C 207 -21.48 29.80 -12.41
C LEU C 207 -21.97 29.65 -13.85
N SER C 208 -22.74 30.62 -14.36
CA SER C 208 -23.26 30.58 -15.72
C SER C 208 -22.12 30.77 -16.73
N SER C 209 -21.17 31.68 -16.43
CA SER C 209 -20.00 31.94 -17.25
C SER C 209 -18.75 31.99 -16.33
N PRO C 210 -17.53 31.55 -16.77
CA PRO C 210 -16.39 31.56 -15.84
C PRO C 210 -16.07 32.90 -15.17
N VAL C 211 -15.90 32.89 -13.85
CA VAL C 211 -15.57 34.07 -13.05
C VAL C 211 -14.05 34.17 -12.94
N THR C 212 -13.47 35.31 -13.36
CA THR C 212 -12.02 35.53 -13.33
C THR C 212 -11.68 36.67 -12.38
N LYS C 213 -10.82 36.40 -11.37
CA LYS C 213 -10.36 37.40 -10.41
C LYS C 213 -8.87 37.65 -10.70
N SER C 214 -8.52 38.86 -11.15
CA SER C 214 -7.15 39.23 -11.52
C SER C 214 -6.62 40.41 -10.70
N PHE C 215 -5.30 40.66 -10.77
CA PHE C 215 -4.66 41.76 -10.06
C PHE C 215 -3.50 42.37 -10.88
N ASN C 216 -3.15 43.62 -10.56
CA ASN C 216 -2.03 44.35 -11.15
C ASN C 216 -1.09 44.79 -10.03
N ARG C 217 0.20 44.95 -10.34
CA ARG C 217 1.20 45.36 -9.35
C ARG C 217 1.08 46.87 -9.06
N GLY C 218 0.16 47.22 -8.17
CA GLY C 218 -0.09 48.60 -7.80
C GLY C 218 -1.43 48.80 -7.12
N GLU D 1 -11.91 9.96 31.99
CA GLU D 1 -11.82 9.24 30.73
C GLU D 1 -10.38 8.78 30.44
N VAL D 2 -10.23 7.78 29.57
CA VAL D 2 -8.93 7.28 29.15
C VAL D 2 -8.41 8.19 28.03
N GLN D 3 -7.12 8.52 28.06
CA GLN D 3 -6.51 9.38 27.06
C GLN D 3 -5.09 8.89 26.76
N LEU D 4 -4.74 8.80 25.47
CA LEU D 4 -3.43 8.31 25.04
C LEU D 4 -2.71 9.43 24.29
N GLN D 5 -1.47 9.76 24.71
CA GLN D 5 -0.66 10.80 24.09
C GLN D 5 0.62 10.23 23.50
N GLN D 6 0.81 10.39 22.20
CA GLN D 6 1.98 9.87 21.51
C GLN D 6 3.10 10.89 21.43
N SER D 7 4.34 10.39 21.46
CA SER D 7 5.53 11.22 21.31
C SER D 7 6.66 10.38 20.67
N GLY D 8 7.65 11.08 20.11
CA GLY D 8 8.79 10.47 19.45
C GLY D 8 8.95 11.02 18.04
N PRO D 9 10.19 11.19 17.50
CA PRO D 9 10.30 11.74 16.13
C PRO D 9 9.65 10.90 15.03
N GLY D 10 9.07 11.58 14.05
CA GLY D 10 8.45 10.95 12.90
C GLY D 10 9.45 10.71 11.77
N LEU D 11 10.48 11.57 11.64
CA LEU D 11 11.49 11.41 10.61
C LEU D 11 12.47 10.31 10.98
N VAL D 12 12.64 9.30 10.12
CA VAL D 12 13.56 8.18 10.38
C VAL D 12 14.36 7.94 9.12
N LYS D 13 15.69 7.88 9.24
CA LYS D 13 16.54 7.63 8.08
C LYS D 13 16.41 6.15 7.64
N PRO D 14 16.46 5.81 6.33
CA PRO D 14 16.38 4.38 5.95
C PRO D 14 17.43 3.52 6.66
N SER D 15 17.04 2.30 7.08
CA SER D 15 17.83 1.30 7.81
C SER D 15 17.98 1.59 9.32
N GLN D 16 17.50 2.75 9.81
CA GLN D 16 17.59 3.14 11.22
C GLN D 16 16.29 2.84 12.00
N THR D 17 16.28 3.06 13.33
CA THR D 17 15.16 2.70 14.21
C THR D 17 14.11 3.81 14.45
N LEU D 18 12.82 3.44 14.38
CA LEU D 18 11.69 4.33 14.71
C LEU D 18 11.37 4.08 16.18
N SER D 19 11.38 5.13 17.01
CA SER D 19 11.07 5.00 18.44
C SER D 19 9.96 5.95 18.81
N LEU D 20 8.82 5.41 19.24
CA LEU D 20 7.67 6.18 19.70
C LEU D 20 7.23 5.65 21.08
N THR D 21 6.54 6.51 21.85
CA THR D 21 5.98 6.16 23.14
C THR D 21 4.52 6.60 23.16
N CYS D 22 3.72 5.95 24.01
CA CYS D 22 2.31 6.28 24.17
C CYS D 22 2.02 6.41 25.67
N ALA D 23 1.78 7.64 26.16
CA ALA D 23 1.49 7.89 27.57
C ALA D 23 -0.01 7.73 27.87
N ILE D 24 -0.34 6.77 28.77
CA ILE D 24 -1.72 6.48 29.17
C ILE D 24 -2.12 7.37 30.36
N SER D 25 -3.38 7.82 30.37
CA SER D 25 -4.03 8.58 31.45
C SER D 25 -5.42 7.97 31.61
N GLY D 26 -5.90 7.87 32.84
CA GLY D 26 -7.21 7.30 33.12
C GLY D 26 -7.26 5.78 33.15
N ASP D 27 -6.09 5.10 33.02
CA ASP D 27 -5.99 3.65 33.07
C ASP D 27 -4.54 3.21 33.44
N SER D 28 -4.34 1.90 33.71
CA SER D 28 -3.04 1.30 34.03
C SER D 28 -2.55 0.47 32.83
N VAL D 29 -1.22 0.42 32.58
CA VAL D 29 -0.67 -0.41 31.46
C VAL D 29 -0.93 -1.90 31.80
N SER D 30 -0.77 -2.29 33.08
CA SER D 30 -0.90 -3.68 33.52
C SER D 30 -2.34 -4.07 33.88
N SER D 31 -3.34 -3.46 33.22
CA SER D 31 -4.75 -3.73 33.47
C SER D 31 -5.16 -5.07 32.84
N ASN D 32 -5.87 -5.95 33.60
CA ASN D 32 -6.35 -7.23 33.07
C ASN D 32 -7.49 -7.09 32.03
N SER D 33 -8.08 -5.88 31.88
CA SER D 33 -9.16 -5.68 30.91
C SER D 33 -8.75 -4.69 29.79
N ALA D 34 -7.45 -4.67 29.44
CA ALA D 34 -6.95 -3.85 28.36
C ALA D 34 -5.72 -4.50 27.72
N ALA D 35 -5.49 -4.18 26.43
CA ALA D 35 -4.33 -4.61 25.67
C ALA D 35 -3.86 -3.38 24.91
N TRP D 36 -2.55 -3.12 24.90
CA TRP D 36 -2.02 -1.89 24.33
C TRP D 36 -1.40 -2.16 22.96
N ASN D 37 -2.11 -1.77 21.89
CA ASN D 37 -1.75 -2.03 20.50
C ASN D 37 -1.16 -0.84 19.76
N TRP D 38 -0.46 -1.13 18.66
CA TRP D 38 0.06 -0.16 17.72
C TRP D 38 -0.51 -0.55 16.35
N ILE D 39 -1.14 0.40 15.67
CA ILE D 39 -1.77 0.27 14.36
C ILE D 39 -1.09 1.28 13.44
N ARG D 40 -1.05 1.02 12.13
CA ARG D 40 -0.51 1.97 11.17
C ARG D 40 -1.53 2.22 10.06
N GLN D 41 -1.42 3.38 9.40
CA GLN D 41 -2.31 3.73 8.30
C GLN D 41 -1.57 4.44 7.18
N SER D 42 -1.69 3.93 5.95
CA SER D 42 -1.12 4.55 4.77
C SER D 42 -2.22 4.60 3.69
N PRO D 43 -2.24 5.59 2.75
CA PRO D 43 -3.30 5.57 1.72
C PRO D 43 -3.32 4.29 0.88
N SER D 44 -2.13 3.70 0.65
CA SER D 44 -1.96 2.46 -0.12
C SER D 44 -2.48 1.20 0.61
N ARG D 45 -1.99 0.92 1.83
CA ARG D 45 -2.34 -0.29 2.58
C ARG D 45 -3.50 -0.17 3.59
N GLY D 46 -3.99 1.05 3.83
CA GLY D 46 -5.07 1.26 4.79
C GLY D 46 -4.61 1.03 6.21
N LEU D 47 -5.52 0.57 7.08
CA LEU D 47 -5.21 0.32 8.49
C LEU D 47 -4.71 -1.10 8.71
N GLU D 48 -3.55 -1.25 9.36
CA GLU D 48 -2.95 -2.55 9.63
C GLU D 48 -2.48 -2.64 11.09
N TRP D 49 -2.76 -3.77 11.74
CA TRP D 49 -2.35 -4.03 13.11
C TRP D 49 -0.86 -4.43 13.12
N LEU D 50 -0.06 -3.88 14.07
CA LEU D 50 1.38 -4.17 14.14
C LEU D 50 1.73 -5.11 15.30
N GLY D 51 1.16 -4.86 16.46
CA GLY D 51 1.44 -5.66 17.65
C GLY D 51 0.81 -5.12 18.90
N LYS D 52 0.95 -5.86 20.00
CA LYS D 52 0.37 -5.46 21.28
C LYS D 52 1.12 -6.05 22.46
N THR D 53 0.93 -5.44 23.64
CA THR D 53 1.45 -5.95 24.91
C THR D 53 0.34 -5.85 25.94
N TYR D 54 0.24 -6.87 26.78
CA TYR D 54 -0.82 -6.95 27.78
C TYR D 54 -0.38 -7.76 28.96
N TYR D 55 -0.98 -7.49 30.13
CA TYR D 55 -0.66 -8.17 31.36
C TYR D 55 -1.85 -8.99 31.82
N ARG D 56 -1.63 -10.30 32.05
CA ARG D 56 -2.66 -11.21 32.55
C ARG D 56 -1.96 -12.08 33.57
N PHE D 57 -1.59 -11.47 34.72
CA PHE D 57 -0.77 -12.06 35.78
C PHE D 57 0.69 -12.36 35.27
N LYS D 58 1.04 -11.91 34.03
CA LYS D 58 2.32 -12.07 33.33
C LYS D 58 2.31 -11.17 32.06
N TRP D 59 3.46 -10.65 31.61
CA TRP D 59 3.47 -9.81 30.39
C TRP D 59 3.57 -10.67 29.13
N TYR D 60 2.65 -10.45 28.18
CA TYR D 60 2.63 -11.13 26.89
C TYR D 60 2.67 -10.11 25.77
N SER D 61 3.01 -10.56 24.55
CA SER D 61 3.06 -9.71 23.37
C SER D 61 2.86 -10.54 22.12
N ASP D 62 2.18 -9.98 21.13
CA ASP D 62 1.94 -10.62 19.84
C ASP D 62 2.33 -9.60 18.77
N TYR D 63 3.00 -10.04 17.70
CA TYR D 63 3.48 -9.15 16.63
C TYR D 63 3.07 -9.68 15.25
N ALA D 64 2.78 -8.76 14.31
CA ALA D 64 2.41 -9.11 12.94
C ALA D 64 3.62 -9.68 12.19
N VAL D 65 3.38 -10.57 11.23
CA VAL D 65 4.46 -11.19 10.45
C VAL D 65 5.21 -10.17 9.58
N SER D 66 4.51 -9.14 9.06
CA SER D 66 5.13 -8.11 8.24
C SER D 66 6.26 -7.35 8.95
N VAL D 67 6.22 -7.27 10.30
CA VAL D 67 7.23 -6.57 11.09
C VAL D 67 7.99 -7.48 12.08
N LYS D 68 7.67 -8.80 12.13
CA LYS D 68 8.35 -9.77 13.01
C LYS D 68 9.88 -9.72 12.82
N GLY D 69 10.62 -9.67 13.92
CA GLY D 69 12.07 -9.57 13.92
C GLY D 69 12.58 -8.15 14.06
N ARG D 70 11.78 -7.16 13.62
CA ARG D 70 12.13 -5.74 13.66
C ARG D 70 11.36 -4.95 14.73
N ILE D 71 10.28 -5.51 15.29
CA ILE D 71 9.38 -4.78 16.21
C ILE D 71 9.49 -5.23 17.67
N THR D 72 9.42 -4.25 18.58
CA THR D 72 9.40 -4.46 20.02
C THR D 72 8.39 -3.47 20.61
N ILE D 73 7.48 -3.97 21.47
CA ILE D 73 6.49 -3.17 22.19
C ILE D 73 6.65 -3.56 23.65
N ASN D 74 7.25 -2.66 24.45
CA ASN D 74 7.50 -2.94 25.86
C ASN D 74 6.69 -2.02 26.74
N PRO D 75 6.11 -2.52 27.86
CA PRO D 75 5.42 -1.58 28.78
C PRO D 75 6.38 -0.86 29.73
N ASP D 76 5.90 0.19 30.38
CA ASP D 76 6.67 0.95 31.36
C ASP D 76 5.72 1.21 32.53
N THR D 77 5.85 0.38 33.58
CA THR D 77 4.98 0.48 34.76
C THR D 77 5.39 1.62 35.73
N SER D 78 6.44 2.41 35.40
CA SER D 78 6.86 3.53 36.22
C SER D 78 6.25 4.82 35.68
N LYS D 79 6.27 5.01 34.35
CA LYS D 79 5.73 6.20 33.68
C LYS D 79 4.32 5.98 33.07
N ASN D 80 3.75 4.75 33.18
CA ASN D 80 2.44 4.39 32.64
C ASN D 80 2.39 4.62 31.14
N GLN D 81 3.31 4.00 30.42
CA GLN D 81 3.40 4.15 28.97
C GLN D 81 3.87 2.85 28.30
N PHE D 82 3.73 2.78 26.98
CA PHE D 82 4.20 1.62 26.21
C PHE D 82 4.89 2.15 24.98
N SER D 83 5.95 1.47 24.57
CA SER D 83 6.80 1.88 23.48
C SER D 83 6.53 1.13 22.19
N LEU D 84 7.01 1.69 21.08
CA LEU D 84 7.05 1.05 19.78
C LEU D 84 8.46 1.29 19.27
N GLN D 85 9.15 0.21 18.93
CA GLN D 85 10.47 0.30 18.35
C GLN D 85 10.44 -0.54 17.09
N LEU D 86 10.79 0.04 15.94
CA LEU D 86 10.81 -0.69 14.67
C LEU D 86 12.16 -0.43 13.99
N ASN D 87 12.99 -1.47 13.91
CA ASN D 87 14.34 -1.44 13.34
C ASN D 87 14.33 -1.62 11.81
N SER D 88 15.49 -1.38 11.15
CA SER D 88 15.71 -1.63 9.71
C SER D 88 14.56 -1.10 8.85
N VAL D 89 14.23 0.16 9.10
CA VAL D 89 13.13 0.90 8.49
C VAL D 89 13.38 1.12 6.98
N THR D 90 12.35 0.91 6.13
CA THR D 90 12.42 1.11 4.67
C THR D 90 11.30 2.09 4.22
N PRO D 91 11.29 2.62 2.96
CA PRO D 91 10.18 3.51 2.56
C PRO D 91 8.78 2.91 2.73
N GLU D 92 8.69 1.58 2.77
CA GLU D 92 7.40 0.91 2.98
C GLU D 92 6.83 1.19 4.36
N ASP D 93 7.67 1.48 5.37
CA ASP D 93 7.20 1.79 6.71
C ASP D 93 6.67 3.23 6.86
N THR D 94 6.71 4.06 5.80
CA THR D 94 6.16 5.42 5.85
C THR D 94 4.64 5.30 5.97
N ALA D 95 4.11 5.65 7.15
CA ALA D 95 2.68 5.56 7.46
C ALA D 95 2.37 6.44 8.71
N VAL D 96 1.08 6.59 9.09
CA VAL D 96 0.66 7.26 10.33
C VAL D 96 0.57 6.15 11.36
N PHE D 97 1.27 6.25 12.49
CA PHE D 97 1.24 5.21 13.53
C PHE D 97 0.36 5.68 14.68
N TYR D 98 -0.54 4.82 15.14
CA TYR D 98 -1.46 5.10 16.25
C TYR D 98 -1.28 4.08 17.35
N CYS D 99 -1.29 4.52 18.61
CA CYS D 99 -1.36 3.61 19.73
C CYS D 99 -2.87 3.57 20.09
N THR D 100 -3.36 2.40 20.52
CA THR D 100 -4.78 2.23 20.82
C THR D 100 -4.98 1.28 21.98
N ARG D 101 -6.13 1.39 22.68
CA ARG D 101 -6.48 0.48 23.77
C ARG D 101 -7.49 -0.52 23.24
N GLU D 102 -7.24 -1.80 23.47
CA GLU D 102 -8.14 -2.90 23.12
C GLU D 102 -8.94 -3.21 24.40
N SER D 103 -10.24 -2.84 24.44
CA SER D 103 -11.06 -3.06 25.63
C SER D 103 -11.46 -4.53 25.75
N THR D 104 -10.74 -5.29 26.58
CA THR D 104 -10.97 -6.72 26.77
C THR D 104 -11.64 -6.98 28.13
N THR D 105 -12.91 -6.58 28.24
CA THR D 105 -13.72 -6.72 29.45
C THR D 105 -14.60 -7.99 29.40
N TYR D 106 -15.38 -8.21 28.32
CA TYR D 106 -16.25 -9.38 28.23
C TYR D 106 -15.41 -10.63 27.92
N ASP D 107 -14.52 -10.53 26.92
CA ASP D 107 -13.55 -11.56 26.59
C ASP D 107 -12.26 -10.91 27.05
N LEU D 108 -11.59 -11.47 28.07
CA LEU D 108 -10.37 -10.86 28.58
C LEU D 108 -9.18 -10.95 27.62
N LEU D 109 -9.32 -11.62 26.45
CA LEU D 109 -8.24 -11.76 25.47
C LEU D 109 -8.59 -11.20 24.07
N ALA D 110 -9.74 -10.55 23.90
CA ALA D 110 -10.11 -9.95 22.61
C ALA D 110 -11.17 -8.88 22.83
N GLY D 111 -11.03 -7.74 22.16
CA GLY D 111 -11.99 -6.65 22.26
C GLY D 111 -11.78 -5.58 21.22
N PRO D 112 -12.69 -4.59 21.11
CA PRO D 112 -12.49 -3.51 20.11
C PRO D 112 -11.45 -2.47 20.57
N PHE D 113 -11.03 -1.57 19.67
CA PHE D 113 -10.10 -0.50 20.01
C PHE D 113 -10.93 0.76 20.33
N ASP D 114 -11.24 0.97 21.62
CA ASP D 114 -12.11 2.07 22.04
C ASP D 114 -11.43 3.44 22.24
N TYR D 115 -10.10 3.50 22.50
CA TYR D 115 -9.39 4.78 22.68
C TYR D 115 -8.16 4.80 21.82
N TRP D 116 -7.90 5.94 21.16
CA TRP D 116 -6.76 6.05 20.26
C TRP D 116 -5.94 7.31 20.52
N GLY D 117 -4.65 7.23 20.21
CA GLY D 117 -3.76 8.38 20.26
C GLY D 117 -3.98 9.28 19.05
N GLN D 118 -3.36 10.46 19.05
CA GLN D 118 -3.55 11.43 17.96
C GLN D 118 -2.86 11.05 16.63
N GLY D 119 -1.90 10.12 16.67
CA GLY D 119 -1.16 9.66 15.50
C GLY D 119 0.18 10.34 15.37
N THR D 120 1.14 9.64 14.76
CA THR D 120 2.47 10.18 14.48
C THR D 120 2.71 9.90 13.01
N LEU D 121 2.81 10.95 12.18
CA LEU D 121 3.10 10.76 10.77
C LEU D 121 4.60 10.44 10.66
N VAL D 122 4.92 9.18 10.30
CA VAL D 122 6.31 8.70 10.18
C VAL D 122 6.76 8.79 8.73
N THR D 123 7.84 9.56 8.47
CA THR D 123 8.40 9.72 7.13
C THR D 123 9.77 9.04 7.11
N VAL D 124 9.96 8.07 6.21
CA VAL D 124 11.23 7.38 6.10
C VAL D 124 12.00 8.09 4.98
N SER D 125 12.99 8.92 5.36
CA SER D 125 13.71 9.73 4.41
C SER D 125 15.09 10.11 4.93
N SER D 126 16.02 10.33 4.01
CA SER D 126 17.37 10.78 4.33
C SER D 126 17.49 12.31 4.38
N ALA D 127 16.48 13.06 3.88
CA ALA D 127 16.50 14.52 3.89
C ALA D 127 16.48 15.07 5.30
N SER D 128 17.17 16.21 5.50
CA SER D 128 17.27 16.85 6.81
C SER D 128 16.02 17.66 7.12
N THR D 129 15.77 17.95 8.41
CA THR D 129 14.62 18.75 8.80
C THR D 129 14.84 20.22 8.39
N LYS D 130 13.78 20.89 7.90
CA LYS D 130 13.87 22.29 7.49
C LYS D 130 12.59 23.00 7.95
N GLY D 131 12.76 24.12 8.65
CA GLY D 131 11.63 24.89 9.14
C GLY D 131 10.94 25.69 8.05
N PRO D 132 9.63 25.97 8.17
CA PRO D 132 8.95 26.72 7.10
C PRO D 132 9.28 28.21 7.01
N SER D 133 8.96 28.80 5.85
CA SER D 133 9.08 30.22 5.57
C SER D 133 7.63 30.65 5.39
N VAL D 134 7.05 31.35 6.39
CA VAL D 134 5.65 31.77 6.29
C VAL D 134 5.56 33.14 5.64
N PHE D 135 4.58 33.33 4.76
CA PHE D 135 4.38 34.59 4.05
C PHE D 135 2.89 34.96 4.12
N PRO D 136 2.51 36.25 4.30
CA PRO D 136 1.07 36.56 4.40
C PRO D 136 0.34 36.54 3.07
N LEU D 137 -0.95 36.19 3.10
CA LEU D 137 -1.86 36.21 1.97
C LEU D 137 -2.82 37.34 2.34
N ALA D 138 -2.32 38.58 2.21
CA ALA D 138 -3.03 39.79 2.59
C ALA D 138 -4.41 39.96 1.92
N PRO D 139 -5.45 40.49 2.61
CA PRO D 139 -6.74 40.68 1.94
C PRO D 139 -6.69 41.85 0.95
N SER D 140 -7.25 41.67 -0.25
CA SER D 140 -7.24 42.72 -1.26
C SER D 140 -8.18 43.85 -0.86
N SER D 141 -7.63 45.05 -0.64
CA SER D 141 -8.42 46.22 -0.25
C SER D 141 -9.37 46.65 -1.37
N LYS D 142 -9.01 46.43 -2.65
CA LYS D 142 -9.89 46.79 -3.76
C LYS D 142 -11.01 45.75 -4.02
N SER D 143 -11.17 44.74 -3.12
CA SER D 143 -12.18 43.69 -3.27
C SER D 143 -13.16 43.67 -2.08
N THR D 144 -14.47 43.62 -2.38
CA THR D 144 -15.55 43.54 -1.40
C THR D 144 -16.52 42.46 -1.95
N SER D 145 -16.32 41.19 -1.55
CA SER D 145 -17.12 40.05 -2.03
C SER D 145 -18.50 39.95 -1.34
N GLY D 146 -19.28 41.01 -1.45
CA GLY D 146 -20.62 41.09 -0.87
C GLY D 146 -20.65 41.13 0.65
N GLY D 147 -19.60 41.70 1.26
CA GLY D 147 -19.49 41.82 2.71
C GLY D 147 -18.36 41.02 3.31
N THR D 148 -18.06 39.84 2.74
CA THR D 148 -17.01 38.95 3.24
C THR D 148 -15.67 39.18 2.49
N ALA D 149 -14.56 38.84 3.16
CA ALA D 149 -13.21 38.99 2.61
C ALA D 149 -12.32 37.85 3.12
N ALA D 150 -11.33 37.43 2.32
CA ALA D 150 -10.44 36.33 2.69
C ALA D 150 -9.01 36.78 2.92
N LEU D 151 -8.31 36.09 3.82
CA LEU D 151 -6.90 36.32 4.17
C LEU D 151 -6.28 34.99 4.66
N GLY D 152 -4.96 34.88 4.63
CA GLY D 152 -4.32 33.65 5.07
C GLY D 152 -2.81 33.69 5.23
N CYS D 153 -2.22 32.49 5.39
CA CYS D 153 -0.78 32.29 5.54
C CYS D 153 -0.31 31.21 4.59
N LEU D 154 0.83 31.46 3.94
CA LEU D 154 1.46 30.52 3.02
C LEU D 154 2.65 29.92 3.75
N VAL D 155 2.53 28.66 4.16
CA VAL D 155 3.57 27.92 4.88
C VAL D 155 4.35 27.15 3.83
N LYS D 156 5.42 27.76 3.29
CA LYS D 156 6.22 27.20 2.21
C LYS D 156 7.57 26.63 2.66
N ASP D 157 8.05 25.60 1.92
CA ASP D 157 9.37 24.96 2.04
C ASP D 157 9.74 24.41 3.43
N TYR D 158 9.09 23.33 3.84
CA TYR D 158 9.41 22.68 5.12
C TYR D 158 9.51 21.17 4.93
N PHE D 159 10.28 20.51 5.78
CA PHE D 159 10.41 19.06 5.71
C PHE D 159 10.73 18.46 7.08
N PRO D 160 10.12 17.34 7.51
CA PRO D 160 9.00 16.59 6.89
C PRO D 160 7.64 17.15 7.30
N GLU D 161 6.55 16.49 6.89
CA GLU D 161 5.23 16.82 7.40
C GLU D 161 5.18 16.33 8.88
N PRO D 162 4.32 16.87 9.78
CA PRO D 162 3.26 17.88 9.58
C PRO D 162 3.59 19.29 10.11
N VAL D 163 2.68 20.25 9.87
CA VAL D 163 2.71 21.58 10.47
C VAL D 163 1.28 21.84 10.94
N THR D 164 1.13 22.42 12.13
CA THR D 164 -0.18 22.75 12.69
C THR D 164 -0.41 24.24 12.46
N VAL D 165 -1.65 24.63 12.11
CA VAL D 165 -1.98 26.04 11.90
C VAL D 165 -3.25 26.38 12.70
N SER D 166 -3.18 27.43 13.54
CA SER D 166 -4.31 27.93 14.32
C SER D 166 -4.37 29.46 14.14
N TRP D 167 -5.57 30.04 14.14
CA TRP D 167 -5.72 31.49 13.96
C TRP D 167 -6.09 32.17 15.26
N ASN D 168 -5.41 33.30 15.55
CA ASN D 168 -5.57 34.08 16.77
C ASN D 168 -5.39 33.20 18.02
N SER D 169 -4.35 32.32 17.97
CA SER D 169 -3.99 31.39 19.04
C SER D 169 -5.11 30.40 19.41
N GLY D 170 -5.80 29.86 18.41
CA GLY D 170 -6.87 28.90 18.62
C GLY D 170 -8.26 29.48 18.87
N ALA D 171 -8.38 30.81 18.91
CA ALA D 171 -9.67 31.45 19.12
C ALA D 171 -10.51 31.45 17.84
N LEU D 172 -9.92 31.83 16.68
CA LEU D 172 -10.66 31.89 15.42
C LEU D 172 -10.71 30.52 14.74
N THR D 173 -11.91 29.92 14.68
CA THR D 173 -12.16 28.60 14.09
C THR D 173 -13.14 28.67 12.90
N SER D 174 -14.16 29.54 12.97
CA SER D 174 -15.15 29.65 11.89
C SER D 174 -14.54 30.12 10.57
N GLY D 175 -14.81 29.40 9.48
CA GLY D 175 -14.31 29.74 8.16
C GLY D 175 -12.84 29.48 7.93
N VAL D 176 -12.15 28.80 8.86
CA VAL D 176 -10.73 28.49 8.72
C VAL D 176 -10.62 27.25 7.85
N HIS D 177 -9.74 27.29 6.83
CA HIS D 177 -9.50 26.18 5.93
C HIS D 177 -8.02 25.99 5.76
N THR D 178 -7.47 24.91 6.34
CA THR D 178 -6.06 24.56 6.16
C THR D 178 -6.05 23.44 5.12
N PHE D 179 -5.49 23.74 3.92
CA PHE D 179 -5.47 22.79 2.82
C PHE D 179 -4.41 21.71 3.01
N PRO D 180 -4.61 20.47 2.50
CA PRO D 180 -3.54 19.46 2.63
C PRO D 180 -2.23 19.91 1.99
N ALA D 181 -1.10 19.48 2.55
CA ALA D 181 0.20 19.84 2.00
C ALA D 181 0.47 19.15 0.67
N VAL D 182 1.31 19.78 -0.15
CA VAL D 182 1.71 19.24 -1.44
C VAL D 182 3.24 19.23 -1.43
N LEU D 183 3.83 18.11 -1.84
CA LEU D 183 5.28 18.00 -1.89
C LEU D 183 5.72 18.62 -3.21
N GLN D 184 6.57 19.64 -3.13
CA GLN D 184 7.06 20.36 -4.29
C GLN D 184 8.17 19.58 -4.98
N SER D 185 8.53 19.97 -6.21
CA SER D 185 9.60 19.33 -6.97
C SER D 185 10.97 19.44 -6.29
N SER D 186 11.15 20.40 -5.37
CA SER D 186 12.38 20.57 -4.58
C SER D 186 12.47 19.58 -3.38
N GLY D 187 11.41 18.81 -3.12
CA GLY D 187 11.39 17.87 -2.01
C GLY D 187 10.94 18.46 -0.69
N LEU D 188 10.40 19.71 -0.71
CA LEU D 188 9.91 20.39 0.49
C LEU D 188 8.40 20.62 0.36
N TYR D 189 7.68 20.49 1.48
CA TYR D 189 6.24 20.66 1.50
C TYR D 189 5.84 22.14 1.51
N SER D 190 4.58 22.40 1.13
CA SER D 190 4.02 23.74 1.08
C SER D 190 2.50 23.66 1.24
N LEU D 191 1.92 24.48 2.11
CA LEU D 191 0.47 24.53 2.30
C LEU D 191 -0.03 25.95 2.53
N SER D 192 -1.32 26.17 2.29
CA SER D 192 -1.97 27.45 2.50
C SER D 192 -3.05 27.27 3.56
N SER D 193 -3.24 28.30 4.40
CA SER D 193 -4.28 28.29 5.42
C SER D 193 -5.02 29.61 5.29
N VAL D 194 -6.33 29.57 5.09
CA VAL D 194 -7.14 30.77 4.86
C VAL D 194 -8.33 30.88 5.82
N VAL D 195 -8.91 32.09 5.94
CA VAL D 195 -10.07 32.34 6.80
C VAL D 195 -10.89 33.48 6.18
N THR D 196 -12.22 33.31 6.11
CA THR D 196 -13.11 34.35 5.59
C THR D 196 -13.66 35.12 6.77
N VAL D 197 -13.34 36.42 6.84
CA VAL D 197 -13.78 37.34 7.90
C VAL D 197 -14.51 38.55 7.24
N PRO D 198 -15.38 39.32 7.95
CA PRO D 198 -16.05 40.46 7.28
C PRO D 198 -15.08 41.56 6.85
N SER D 199 -15.44 42.28 5.78
CA SER D 199 -14.63 43.37 5.25
C SER D 199 -14.55 44.55 6.25
N SER D 200 -15.64 44.80 7.00
CA SER D 200 -15.67 45.85 8.03
C SER D 200 -14.70 45.53 9.19
N SER D 201 -14.48 44.23 9.49
CA SER D 201 -13.57 43.77 10.54
C SER D 201 -12.08 43.96 10.19
N LEU D 202 -11.74 44.29 8.93
CA LEU D 202 -10.35 44.49 8.52
C LEU D 202 -9.90 45.89 8.94
N GLY D 203 -8.63 46.04 9.29
CA GLY D 203 -8.08 47.33 9.73
C GLY D 203 -8.47 47.73 11.15
N THR D 204 -8.83 46.73 11.99
CA THR D 204 -9.21 46.95 13.40
C THR D 204 -8.92 45.70 14.26
N GLN D 205 -9.20 44.48 13.76
CA GLN D 205 -8.94 43.22 14.45
C GLN D 205 -7.64 42.66 13.89
N THR D 206 -6.69 42.31 14.76
CA THR D 206 -5.40 41.77 14.34
C THR D 206 -5.54 40.25 14.12
N TYR D 207 -5.16 39.76 12.92
CA TYR D 207 -5.23 38.34 12.56
C TYR D 207 -3.82 37.76 12.48
N ILE D 208 -3.49 36.84 13.41
CA ILE D 208 -2.17 36.21 13.47
C ILE D 208 -2.31 34.69 13.28
N CYS D 209 -1.54 34.09 12.36
CA CYS D 209 -1.55 32.64 12.19
C CYS D 209 -0.39 32.06 13.00
N ASN D 210 -0.67 30.99 13.74
CA ASN D 210 0.30 30.31 14.59
C ASN D 210 0.77 29.04 13.86
N VAL D 211 1.89 29.15 13.15
CA VAL D 211 2.44 28.03 12.38
C VAL D 211 3.51 27.35 13.23
N ASN D 212 3.37 26.04 13.44
CA ASN D 212 4.31 25.27 14.26
C ASN D 212 4.81 24.04 13.52
N HIS D 213 6.14 23.89 13.43
CA HIS D 213 6.79 22.76 12.81
C HIS D 213 7.59 22.08 13.93
N LYS D 214 6.98 21.11 14.61
CA LYS D 214 7.62 20.42 15.72
C LYS D 214 8.92 19.68 15.34
N PRO D 215 9.04 18.99 14.18
CA PRO D 215 10.32 18.31 13.86
C PRO D 215 11.57 19.19 13.86
N SER D 216 11.46 20.49 13.51
CA SER D 216 12.60 21.41 13.52
C SER D 216 12.51 22.50 14.60
N ASN D 217 11.57 22.37 15.59
CA ASN D 217 11.35 23.33 16.67
C ASN D 217 11.16 24.77 16.16
N THR D 218 10.32 24.94 15.13
CA THR D 218 10.04 26.25 14.53
C THR D 218 8.63 26.67 14.96
N LYS D 219 8.49 27.88 15.51
CA LYS D 219 7.20 28.43 15.94
C LYS D 219 7.15 29.84 15.40
N VAL D 220 6.48 30.06 14.26
CA VAL D 220 6.40 31.36 13.62
C VAL D 220 4.98 31.91 13.72
N ASP D 221 4.85 33.20 14.10
CA ASP D 221 3.57 33.90 14.18
C ASP D 221 3.70 35.09 13.23
N LYS D 222 2.81 35.21 12.22
CA LYS D 222 2.86 36.29 11.23
C LYS D 222 1.55 37.06 11.16
N LYS D 223 1.60 38.40 11.32
CA LYS D 223 0.41 39.25 11.22
C LYS D 223 0.03 39.39 9.75
N VAL D 224 -1.25 39.22 9.43
CA VAL D 224 -1.75 39.35 8.07
C VAL D 224 -2.52 40.67 8.03
N GLU D 225 -1.92 41.71 7.42
CA GLU D 225 -2.49 43.07 7.36
C GLU D 225 -2.71 43.50 5.88
N PRO D 226 -3.64 44.43 5.55
CA PRO D 226 -3.78 44.84 4.14
C PRO D 226 -2.58 45.61 3.59
N LYS D 227 -2.44 45.64 2.24
CA LYS D 227 -1.37 46.32 1.50
C LYS D 227 -0.01 45.70 1.80
N GLY E 4 -28.48 9.83 -47.18
CA GLY E 4 -28.35 9.54 -45.76
C GLY E 4 -29.69 9.30 -45.07
N THR E 5 -29.65 8.73 -43.85
CA THR E 5 -30.84 8.43 -43.05
C THR E 5 -30.49 8.45 -41.56
N ILE E 6 -31.10 9.37 -40.77
CA ILE E 6 -30.88 9.47 -39.32
C ILE E 6 -32.25 9.41 -38.64
N GLU E 7 -32.65 8.24 -38.12
CA GLU E 7 -33.95 8.04 -37.47
C GLU E 7 -33.77 7.49 -36.06
N THR E 8 -33.64 8.38 -35.07
CA THR E 8 -33.43 8.02 -33.67
C THR E 8 -34.76 7.86 -32.91
N THR E 9 -34.71 7.22 -31.73
CA THR E 9 -35.92 7.04 -30.89
C THR E 9 -36.45 8.39 -30.40
N GLY E 10 -35.56 9.34 -30.11
CA GLY E 10 -35.91 10.69 -29.65
C GLY E 10 -35.54 10.94 -28.21
N ASN E 11 -35.80 12.16 -27.72
CA ASN E 11 -35.52 12.53 -26.34
C ASN E 11 -36.57 11.87 -25.43
N ILE E 12 -36.22 10.69 -24.86
CA ILE E 12 -37.11 9.89 -24.00
C ILE E 12 -36.67 9.94 -22.51
N SER E 13 -37.53 9.42 -21.60
CA SER E 13 -37.25 9.40 -20.15
C SER E 13 -37.77 8.11 -19.49
N ALA E 14 -37.21 7.79 -18.30
CA ALA E 14 -37.59 6.61 -17.50
C ALA E 14 -37.23 6.83 -16.03
N GLU E 15 -37.87 6.08 -15.10
CA GLU E 15 -37.60 6.25 -13.67
C GLU E 15 -36.38 5.44 -13.18
N LYS E 16 -35.87 5.80 -11.99
CA LYS E 16 -34.72 5.12 -11.39
C LYS E 16 -35.10 3.69 -10.99
N GLY E 17 -34.17 2.75 -11.21
CA GLY E 17 -34.37 1.35 -10.88
C GLY E 17 -34.83 0.51 -12.05
N GLY E 18 -35.59 1.10 -12.97
CA GLY E 18 -36.10 0.40 -14.13
C GLY E 18 -35.10 0.29 -15.27
N SER E 19 -35.60 -0.02 -16.46
CA SER E 19 -34.81 -0.20 -17.68
C SER E 19 -35.33 0.68 -18.83
N ILE E 20 -34.53 0.86 -19.89
CA ILE E 20 -34.92 1.67 -21.04
C ILE E 20 -34.33 1.07 -22.32
N ILE E 21 -35.11 1.09 -23.42
CA ILE E 21 -34.70 0.55 -24.71
C ILE E 21 -34.25 1.71 -25.60
N LEU E 22 -33.09 1.57 -26.26
CA LEU E 22 -32.52 2.57 -27.15
C LEU E 22 -32.65 2.05 -28.59
N GLN E 23 -33.50 2.68 -29.42
CA GLN E 23 -33.74 2.26 -30.81
C GLN E 23 -33.07 3.22 -31.80
N CYS E 24 -32.63 2.68 -32.96
CA CYS E 24 -32.02 3.46 -34.05
C CYS E 24 -32.30 2.74 -35.38
N HIS E 25 -32.60 3.49 -36.45
CA HIS E 25 -32.92 2.89 -37.75
C HIS E 25 -32.25 3.65 -38.90
N LEU E 26 -31.56 2.92 -39.80
CA LEU E 26 -30.88 3.49 -40.96
C LEU E 26 -31.69 3.14 -42.21
N THR E 30 -30.03 1.37 -47.09
CA THR E 30 -29.40 2.12 -48.16
C THR E 30 -27.93 1.69 -48.37
N ALA E 31 -27.25 1.19 -47.31
CA ALA E 31 -25.87 0.73 -47.41
C ALA E 31 -25.59 -0.41 -46.41
N GLN E 32 -24.53 -1.20 -46.68
CA GLN E 32 -24.16 -2.35 -45.85
C GLN E 32 -23.61 -1.89 -44.50
N VAL E 33 -24.27 -2.30 -43.40
CA VAL E 33 -23.87 -1.92 -42.05
C VAL E 33 -22.80 -2.89 -41.57
N THR E 34 -21.58 -2.39 -41.29
CA THR E 34 -20.46 -3.23 -40.84
C THR E 34 -20.48 -3.40 -39.31
N GLN E 35 -20.69 -2.31 -38.56
CA GLN E 35 -20.70 -2.36 -37.09
C GLN E 35 -21.46 -1.15 -36.51
N VAL E 36 -22.27 -1.39 -35.47
CA VAL E 36 -23.01 -0.34 -34.77
C VAL E 36 -22.43 -0.18 -33.38
N ASN E 37 -21.88 1.02 -33.05
CA ASN E 37 -21.31 1.30 -31.74
C ASN E 37 -22.30 2.10 -30.89
N TRP E 38 -22.62 1.62 -29.69
CA TRP E 38 -23.50 2.34 -28.76
C TRP E 38 -22.62 3.11 -27.78
N GLU E 39 -23.03 4.32 -27.38
CA GLU E 39 -22.21 5.14 -26.47
C GLU E 39 -23.01 5.90 -25.44
N GLN E 40 -22.54 5.90 -24.18
CA GLN E 40 -23.11 6.72 -23.11
C GLN E 40 -22.22 7.95 -23.09
N GLN E 41 -22.65 9.02 -23.78
CA GLN E 41 -21.91 10.27 -23.92
C GLN E 41 -20.56 9.99 -24.64
N ASP E 42 -19.45 9.76 -23.91
CA ASP E 42 -18.14 9.48 -24.48
C ASP E 42 -17.73 8.02 -24.25
N GLN E 43 -18.27 7.33 -23.22
CA GLN E 43 -17.94 5.93 -22.94
C GLN E 43 -18.63 4.99 -23.95
N LEU E 44 -17.95 3.90 -24.33
CA LEU E 44 -18.53 2.92 -25.24
C LEU E 44 -19.40 1.97 -24.42
N LEU E 45 -20.66 1.75 -24.85
CA LEU E 45 -21.59 0.86 -24.16
C LEU E 45 -21.50 -0.56 -24.73
N ALA E 46 -21.64 -0.70 -26.07
CA ALA E 46 -21.68 -1.99 -26.75
C ALA E 46 -21.27 -1.85 -28.24
N ILE E 47 -20.94 -2.98 -28.87
CA ILE E 47 -20.55 -3.10 -30.27
C ILE E 47 -21.41 -4.20 -30.87
N CYS E 48 -22.06 -3.95 -32.02
CA CYS E 48 -22.82 -4.99 -32.71
C CYS E 48 -22.22 -5.15 -34.10
N ASN E 49 -21.19 -6.00 -34.22
CA ASN E 49 -20.53 -6.25 -35.49
C ASN E 49 -21.37 -7.20 -36.33
N ALA E 50 -21.42 -6.96 -37.66
CA ALA E 50 -22.21 -7.81 -38.56
C ALA E 50 -21.66 -9.24 -38.64
N ASP E 51 -20.33 -9.40 -38.69
CA ASP E 51 -19.72 -10.73 -38.78
C ASP E 51 -19.29 -11.35 -37.44
N LEU E 52 -19.19 -10.55 -36.36
CA LEU E 52 -18.74 -11.05 -35.06
C LEU E 52 -19.77 -10.90 -33.91
N GLY E 53 -20.93 -10.30 -34.17
CA GLY E 53 -22.03 -10.22 -33.21
C GLY E 53 -21.96 -9.14 -32.16
N TRP E 54 -22.78 -9.31 -31.09
CA TRP E 54 -22.90 -8.38 -29.97
C TRP E 54 -21.80 -8.59 -28.93
N HIS E 55 -21.19 -7.48 -28.47
CA HIS E 55 -20.14 -7.47 -27.46
C HIS E 55 -20.41 -6.29 -26.53
N ILE E 56 -20.42 -6.53 -25.22
CA ILE E 56 -20.71 -5.50 -24.23
C ILE E 56 -19.41 -5.08 -23.52
N SER E 57 -19.27 -3.77 -23.28
CA SER E 57 -18.08 -3.22 -22.62
C SER E 57 -17.96 -3.80 -21.19
N PRO E 58 -16.75 -4.04 -20.63
CA PRO E 58 -16.69 -4.53 -19.24
C PRO E 58 -17.30 -3.54 -18.24
N SER E 59 -17.33 -2.24 -18.56
CA SER E 59 -17.97 -1.23 -17.72
C SER E 59 -19.49 -1.38 -17.63
N PHE E 60 -20.13 -2.11 -18.58
CA PHE E 60 -21.59 -2.26 -18.62
C PHE E 60 -22.14 -3.71 -18.74
N LYS E 61 -21.30 -4.76 -18.66
CA LYS E 61 -21.80 -6.15 -18.75
C LYS E 61 -22.87 -6.47 -17.70
N ASP E 62 -22.72 -5.92 -16.48
CA ASP E 62 -23.64 -6.14 -15.36
C ASP E 62 -25.07 -5.59 -15.56
N ARG E 63 -25.27 -4.57 -16.41
CA ARG E 63 -26.60 -3.98 -16.58
C ARG E 63 -26.94 -3.53 -18.02
N VAL E 64 -26.35 -4.16 -19.05
CA VAL E 64 -26.65 -3.84 -20.45
C VAL E 64 -26.73 -5.18 -21.18
N ALA E 65 -27.84 -5.42 -21.86
CA ALA E 65 -28.08 -6.64 -22.63
C ALA E 65 -28.51 -6.25 -24.06
N PRO E 66 -28.20 -7.05 -25.11
CA PRO E 66 -28.64 -6.65 -26.46
C PRO E 66 -30.17 -6.65 -26.56
N GLY E 67 -30.70 -5.56 -27.08
CA GLY E 67 -32.14 -5.36 -27.23
C GLY E 67 -32.67 -5.91 -28.54
N PRO E 68 -33.89 -5.54 -28.97
CA PRO E 68 -34.40 -6.06 -30.25
C PRO E 68 -33.69 -5.44 -31.45
N GLY E 69 -33.44 -6.25 -32.49
CA GLY E 69 -32.73 -5.82 -33.69
C GLY E 69 -31.33 -5.32 -33.35
N LEU E 70 -31.00 -4.09 -33.78
CA LEU E 70 -29.72 -3.46 -33.43
C LEU E 70 -29.91 -2.45 -32.27
N GLY E 71 -30.90 -2.69 -31.40
CA GLY E 71 -31.20 -1.85 -30.25
C GLY E 71 -30.50 -2.32 -28.99
N LEU E 72 -30.54 -1.51 -27.93
CA LEU E 72 -29.88 -1.82 -26.66
C LEU E 72 -30.84 -1.64 -25.47
N THR E 73 -30.56 -2.32 -24.35
CA THR E 73 -31.37 -2.23 -23.14
C THR E 73 -30.48 -1.87 -21.94
N LEU E 74 -30.67 -0.67 -21.36
CA LEU E 74 -29.90 -0.18 -20.22
C LEU E 74 -30.70 -0.43 -18.92
N GLN E 75 -30.30 -1.46 -18.17
CA GLN E 75 -30.93 -1.91 -16.92
C GLN E 75 -30.34 -1.16 -15.69
N SER E 76 -31.04 -1.23 -14.54
CA SER E 76 -30.65 -0.60 -13.26
C SER E 76 -30.27 0.87 -13.45
N LEU E 77 -31.25 1.69 -13.81
CA LEU E 77 -31.01 3.11 -14.07
C LEU E 77 -30.64 3.89 -12.80
N THR E 78 -29.89 4.98 -12.99
CA THR E 78 -29.44 5.87 -11.92
C THR E 78 -29.39 7.31 -12.44
N VAL E 79 -29.45 8.28 -11.53
CA VAL E 79 -29.42 9.71 -11.89
C VAL E 79 -28.18 10.08 -12.75
N ASN E 80 -27.07 9.31 -12.64
CA ASN E 80 -25.86 9.56 -13.40
C ASN E 80 -25.98 9.13 -14.89
N ASP E 81 -27.00 8.35 -15.27
CA ASP E 81 -27.21 7.94 -16.66
C ASP E 81 -27.94 9.00 -17.51
N THR E 82 -28.13 10.24 -17.01
CA THR E 82 -28.78 11.30 -17.78
C THR E 82 -27.77 11.89 -18.75
N GLY E 83 -28.16 12.07 -20.00
CA GLY E 83 -27.28 12.67 -21.00
C GLY E 83 -27.51 12.20 -22.42
N GLU E 84 -26.51 12.46 -23.26
CA GLU E 84 -26.54 12.08 -24.68
C GLU E 84 -26.14 10.61 -24.85
N TYR E 85 -26.71 9.97 -25.87
CA TYR E 85 -26.44 8.56 -26.22
C TYR E 85 -26.33 8.50 -27.74
N PHE E 86 -25.28 7.85 -28.28
CA PHE E 86 -25.07 7.82 -29.73
C PHE E 86 -24.99 6.42 -30.32
N CYS E 87 -25.74 6.17 -31.41
CA CYS E 87 -25.70 4.91 -32.15
C CYS E 87 -24.90 5.18 -33.43
N ILE E 88 -23.61 4.86 -33.41
CA ILE E 88 -22.73 5.11 -34.57
C ILE E 88 -22.97 3.97 -35.56
N TYR E 89 -23.18 4.29 -36.84
CA TYR E 89 -23.40 3.31 -37.90
C TYR E 89 -22.25 3.41 -38.88
N HIS E 90 -21.31 2.46 -38.82
CA HIS E 90 -20.16 2.43 -39.74
C HIS E 90 -20.54 1.61 -40.96
N THR E 91 -20.92 2.29 -42.06
CA THR E 91 -21.40 1.66 -43.29
C THR E 91 -20.36 1.74 -44.42
N TYR E 92 -20.54 0.90 -45.45
CA TYR E 92 -19.66 0.85 -46.62
C TYR E 92 -20.56 0.81 -47.88
N PRO E 93 -20.37 1.66 -48.93
CA PRO E 93 -19.38 2.75 -49.11
C PRO E 93 -19.81 4.13 -48.58
N ASP E 94 -20.99 4.23 -47.95
CA ASP E 94 -21.54 5.52 -47.49
C ASP E 94 -20.80 6.20 -46.32
N GLY E 95 -20.01 5.44 -45.55
CA GLY E 95 -19.26 6.00 -44.43
C GLY E 95 -20.01 5.91 -43.11
N THR E 96 -19.65 6.78 -42.15
CA THR E 96 -20.25 6.78 -40.81
C THR E 96 -21.44 7.73 -40.70
N TYR E 97 -22.52 7.26 -40.06
CA TYR E 97 -23.74 8.04 -39.80
C TYR E 97 -24.00 7.95 -38.29
N THR E 98 -24.24 9.08 -37.61
CA THR E 98 -24.48 9.08 -36.17
C THR E 98 -25.83 9.67 -35.81
N GLY E 99 -26.41 9.19 -34.71
CA GLY E 99 -27.70 9.64 -34.21
C GLY E 99 -27.65 9.89 -32.72
N ARG E 100 -28.31 10.97 -32.26
CA ARG E 100 -28.33 11.39 -30.86
C ARG E 100 -29.66 11.02 -30.18
N ILE E 101 -29.60 10.61 -28.89
CA ILE E 101 -30.76 10.24 -28.07
C ILE E 101 -30.52 10.79 -26.67
N PHE E 102 -31.40 11.66 -26.15
CA PHE E 102 -31.23 12.19 -24.79
C PHE E 102 -32.13 11.43 -23.82
N LEU E 103 -31.56 10.95 -22.71
CA LEU E 103 -32.28 10.19 -21.69
C LEU E 103 -32.32 10.97 -20.38
N GLU E 104 -33.52 11.06 -19.74
CA GLU E 104 -33.70 11.76 -18.46
C GLU E 104 -34.22 10.76 -17.42
N VAL E 105 -33.75 10.88 -16.18
CA VAL E 105 -34.10 9.98 -15.07
C VAL E 105 -33.90 10.70 -13.73
N MET F 1 8.01 -20.29 53.05
CA MET F 1 8.50 -21.03 51.88
C MET F 1 7.32 -21.78 51.23
N MET F 2 7.23 -21.70 49.90
CA MET F 2 6.14 -22.29 49.14
C MET F 2 6.15 -23.83 49.11
N THR F 3 5.08 -24.41 49.64
CA THR F 3 4.79 -25.84 49.63
C THR F 3 3.66 -25.95 48.62
N GLY F 4 3.82 -26.77 47.60
CA GLY F 4 2.82 -26.89 46.55
C GLY F 4 3.45 -27.46 45.30
N THR F 5 2.91 -28.58 44.81
CA THR F 5 3.43 -29.29 43.66
C THR F 5 2.37 -29.38 42.56
N ILE F 6 2.82 -29.36 41.28
CA ILE F 6 1.93 -29.50 40.13
C ILE F 6 2.21 -30.86 39.48
N GLU F 7 1.16 -31.68 39.28
CA GLU F 7 1.26 -32.99 38.65
C GLU F 7 0.65 -32.84 37.26
N THR F 8 1.45 -32.98 36.21
CA THR F 8 0.99 -32.77 34.82
C THR F 8 0.80 -34.12 34.07
N THR F 9 0.27 -34.08 32.81
CA THR F 9 0.08 -35.27 31.98
C THR F 9 1.44 -35.96 31.64
N GLY F 10 2.54 -35.20 31.62
CA GLY F 10 3.88 -35.70 31.39
C GLY F 10 4.31 -35.63 29.93
N ASN F 11 5.25 -36.50 29.52
CA ASN F 11 5.70 -36.56 28.14
C ASN F 11 4.67 -37.38 27.35
N ILE F 12 3.74 -36.69 26.68
CA ILE F 12 2.65 -37.30 25.93
C ILE F 12 2.83 -37.17 24.42
N SER F 13 2.17 -38.04 23.67
CA SER F 13 2.26 -38.07 22.21
C SER F 13 0.87 -38.23 21.57
N ALA F 14 0.74 -37.77 20.32
CA ALA F 14 -0.49 -37.81 19.53
C ALA F 14 -0.15 -37.79 18.02
N GLU F 15 -1.14 -37.95 17.11
CA GLU F 15 -0.87 -37.92 15.67
C GLU F 15 -1.54 -36.72 14.99
N LYS F 16 -0.92 -36.26 13.87
CA LYS F 16 -1.36 -35.11 13.05
C LYS F 16 -2.86 -35.19 12.74
N GLY F 17 -3.60 -34.13 13.09
CA GLY F 17 -5.04 -34.08 12.90
C GLY F 17 -5.84 -34.46 14.13
N GLY F 18 -5.23 -35.18 15.07
CA GLY F 18 -5.89 -35.62 16.29
C GLY F 18 -6.03 -34.52 17.33
N SER F 19 -6.40 -34.90 18.55
CA SER F 19 -6.59 -33.97 19.67
C SER F 19 -5.92 -34.50 20.94
N ILE F 20 -5.63 -33.62 21.89
CA ILE F 20 -5.01 -34.00 23.15
C ILE F 20 -5.57 -33.13 24.28
N ILE F 21 -5.70 -33.71 25.49
CA ILE F 21 -6.19 -33.00 26.66
C ILE F 21 -5.00 -32.74 27.58
N LEU F 22 -4.57 -31.48 27.66
CA LEU F 22 -3.45 -31.06 28.51
C LEU F 22 -4.07 -30.89 29.90
N GLN F 23 -3.51 -31.56 30.94
CA GLN F 23 -4.09 -31.47 32.28
C GLN F 23 -3.04 -31.30 33.38
N CYS F 24 -3.33 -30.42 34.34
CA CYS F 24 -2.48 -30.13 35.51
C CYS F 24 -3.31 -30.24 36.78
N HIS F 25 -2.64 -30.49 37.91
CA HIS F 25 -3.31 -30.59 39.20
C HIS F 25 -2.43 -30.02 40.29
N LEU F 26 -2.87 -28.92 40.93
CA LEU F 26 -2.12 -28.33 42.04
C LEU F 26 -2.45 -29.14 43.30
N SER F 27 -1.42 -29.42 44.11
CA SER F 27 -1.56 -30.20 45.32
C SER F 27 -0.61 -29.67 46.42
N SER F 28 -0.79 -30.14 47.67
CA SER F 28 0.01 -29.78 48.84
C SER F 28 -0.07 -28.29 49.23
N THR F 29 -1.18 -27.60 48.90
CA THR F 29 -1.38 -26.21 49.29
C THR F 29 -2.87 -25.87 49.32
N THR F 30 -3.30 -25.16 50.37
CA THR F 30 -4.70 -24.71 50.52
C THR F 30 -4.95 -23.36 49.80
N ALA F 31 -3.95 -22.81 49.08
CA ALA F 31 -4.04 -21.51 48.40
C ALA F 31 -5.14 -21.47 47.35
N GLN F 32 -5.83 -20.33 47.27
CA GLN F 32 -6.89 -20.12 46.29
C GLN F 32 -6.26 -19.91 44.93
N VAL F 33 -6.61 -20.72 43.94
CA VAL F 33 -6.09 -20.55 42.59
C VAL F 33 -6.93 -19.45 41.96
N THR F 34 -6.34 -18.25 41.76
CA THR F 34 -7.09 -17.11 41.20
C THR F 34 -7.14 -17.19 39.66
N GLN F 35 -6.06 -17.66 39.01
CA GLN F 35 -6.06 -17.81 37.56
C GLN F 35 -5.05 -18.85 37.10
N VAL F 36 -5.37 -19.62 36.05
CA VAL F 36 -4.48 -20.59 35.44
C VAL F 36 -4.23 -20.11 34.00
N ASN F 37 -2.97 -19.88 33.62
CA ASN F 37 -2.61 -19.50 32.26
C ASN F 37 -2.07 -20.73 31.56
N TRP F 38 -2.62 -21.08 30.40
CA TRP F 38 -2.16 -22.21 29.60
C TRP F 38 -1.33 -21.65 28.45
N GLU F 39 -0.10 -22.16 28.27
CA GLU F 39 0.82 -21.63 27.28
C GLU F 39 1.40 -22.73 26.41
N GLN F 40 1.63 -22.42 25.12
CA GLN F 40 2.31 -23.29 24.16
C GLN F 40 3.63 -22.59 23.94
N GLN F 41 4.71 -23.08 24.58
CA GLN F 41 6.04 -22.50 24.51
C GLN F 41 5.96 -21.05 25.12
N ASP F 42 6.21 -19.96 24.35
CA ASP F 42 6.12 -18.59 24.86
C ASP F 42 4.71 -17.98 24.72
N GLN F 43 3.91 -18.49 23.79
CA GLN F 43 2.58 -17.96 23.45
C GLN F 43 1.49 -18.41 24.44
N LEU F 44 0.51 -17.54 24.69
CA LEU F 44 -0.61 -17.83 25.58
C LEU F 44 -1.76 -18.45 24.78
N LEU F 45 -2.32 -19.56 25.27
CA LEU F 45 -3.43 -20.29 24.64
C LEU F 45 -4.78 -19.86 25.26
N ALA F 46 -4.88 -19.88 26.60
CA ALA F 46 -6.11 -19.61 27.30
C ALA F 46 -5.85 -19.14 28.75
N ILE F 47 -6.88 -18.54 29.35
CA ILE F 47 -6.89 -18.06 30.73
C ILE F 47 -8.14 -18.63 31.38
N CYS F 48 -7.99 -19.23 32.56
CA CYS F 48 -9.13 -19.73 33.31
C CYS F 48 -9.10 -19.01 34.64
N ASN F 49 -9.89 -17.93 34.76
CA ASN F 49 -9.95 -17.12 35.97
C ASN F 49 -11.04 -17.65 36.90
N ALA F 50 -10.75 -17.77 38.21
CA ALA F 50 -11.72 -18.26 39.20
C ALA F 50 -13.02 -17.46 39.24
N ASP F 51 -12.93 -16.12 39.17
CA ASP F 51 -14.10 -15.23 39.20
C ASP F 51 -14.60 -14.79 37.81
N LEU F 52 -13.73 -14.71 36.78
CA LEU F 52 -14.11 -14.21 35.45
C LEU F 52 -14.28 -15.29 34.35
N GLY F 53 -13.98 -16.55 34.62
CA GLY F 53 -14.19 -17.64 33.67
C GLY F 53 -13.08 -17.92 32.67
N TRP F 54 -13.40 -18.75 31.66
CA TRP F 54 -12.49 -19.17 30.58
C TRP F 54 -12.46 -18.16 29.44
N HIS F 55 -11.26 -17.90 28.90
CA HIS F 55 -11.03 -16.97 27.80
C HIS F 55 -9.96 -17.58 26.90
N ILE F 56 -10.25 -17.76 25.60
CA ILE F 56 -9.32 -18.36 24.64
C ILE F 56 -8.67 -17.26 23.81
N SER F 57 -7.36 -17.37 23.58
CA SER F 57 -6.59 -16.39 22.82
C SER F 57 -7.11 -16.25 21.38
N PRO F 58 -7.07 -15.04 20.75
CA PRO F 58 -7.51 -14.95 19.35
C PRO F 58 -6.66 -15.79 18.37
N SER F 59 -5.45 -16.18 18.76
CA SER F 59 -4.60 -17.03 17.95
C SER F 59 -5.04 -18.51 18.01
N PHE F 60 -5.97 -18.90 18.93
CA PHE F 60 -6.38 -20.30 19.10
C PHE F 60 -7.88 -20.57 19.31
N LYS F 61 -8.79 -19.64 18.96
CA LYS F 61 -10.23 -19.89 19.17
C LYS F 61 -10.76 -21.05 18.32
N ASP F 62 -10.26 -21.18 17.09
CA ASP F 62 -10.71 -22.26 16.20
C ASP F 62 -10.16 -23.65 16.56
N ARG F 63 -9.13 -23.73 17.41
CA ARG F 63 -8.43 -24.97 17.76
C ARG F 63 -8.55 -25.37 19.24
N VAL F 64 -8.41 -24.42 20.16
CA VAL F 64 -8.42 -24.64 21.61
C VAL F 64 -9.84 -24.52 22.16
N ALA F 65 -10.14 -25.34 23.19
CA ALA F 65 -11.45 -25.36 23.86
C ALA F 65 -11.22 -25.70 25.36
N PRO F 66 -12.00 -25.14 26.31
CA PRO F 66 -11.79 -25.50 27.73
C PRO F 66 -12.03 -26.99 27.99
N GLY F 67 -11.05 -27.64 28.62
CA GLY F 67 -11.05 -29.07 28.87
C GLY F 67 -11.99 -29.56 29.97
N PRO F 68 -11.58 -30.55 30.80
CA PRO F 68 -12.52 -31.09 31.80
C PRO F 68 -12.79 -30.18 33.00
N GLY F 69 -11.75 -29.56 33.55
CA GLY F 69 -11.86 -28.65 34.68
C GLY F 69 -10.85 -27.54 34.48
N LEU F 70 -9.71 -27.59 35.19
CA LEU F 70 -8.62 -26.62 34.99
C LEU F 70 -7.61 -27.20 33.97
N GLY F 71 -8.12 -27.87 32.93
CA GLY F 71 -7.37 -28.48 31.85
C GLY F 71 -7.81 -27.93 30.51
N LEU F 72 -7.05 -28.23 29.45
CA LEU F 72 -7.33 -27.71 28.11
C LEU F 72 -7.43 -28.83 27.08
N THR F 73 -8.08 -28.56 25.94
CA THR F 73 -8.20 -29.52 24.86
C THR F 73 -7.75 -28.84 23.57
N LEU F 74 -6.71 -29.38 22.92
CA LEU F 74 -6.17 -28.82 21.68
C LEU F 74 -6.50 -29.78 20.53
N GLN F 75 -7.52 -29.43 19.73
CA GLN F 75 -7.98 -30.23 18.59
C GLN F 75 -7.22 -29.88 17.29
N SER F 76 -7.35 -30.71 16.23
CA SER F 76 -6.72 -30.51 14.92
C SER F 76 -5.22 -30.17 15.04
N LEU F 77 -4.44 -31.10 15.60
CA LEU F 77 -3.01 -30.92 15.84
C LEU F 77 -2.19 -30.84 14.55
N THR F 78 -1.08 -30.06 14.60
CA THR F 78 -0.15 -29.84 13.47
C THR F 78 1.29 -30.17 13.90
N VAL F 79 2.21 -30.34 12.93
CA VAL F 79 3.63 -30.64 13.25
C VAL F 79 4.24 -29.53 14.13
N ASN F 80 3.87 -28.26 13.90
CA ASN F 80 4.37 -27.16 14.70
C ASN F 80 3.88 -27.19 16.16
N ASP F 81 2.83 -27.97 16.49
CA ASP F 81 2.37 -28.12 17.88
C ASP F 81 3.35 -28.94 18.74
N THR F 82 4.42 -29.55 18.15
CA THR F 82 5.42 -30.28 18.92
C THR F 82 6.16 -29.26 19.77
N GLY F 83 6.28 -29.53 21.05
CA GLY F 83 7.00 -28.64 21.95
C GLY F 83 6.49 -28.68 23.37
N GLU F 84 7.05 -27.79 24.18
CA GLU F 84 6.70 -27.68 25.58
C GLU F 84 5.46 -26.81 25.80
N TYR F 85 4.66 -27.17 26.82
CA TYR F 85 3.44 -26.49 27.21
C TYR F 85 3.48 -26.25 28.71
N PHE F 86 2.99 -25.10 29.15
CA PHE F 86 3.01 -24.75 30.56
C PHE F 86 1.65 -24.42 31.10
N CYS F 87 1.42 -24.75 32.37
CA CYS F 87 0.21 -24.41 33.10
C CYS F 87 0.72 -23.60 34.29
N ILE F 88 0.40 -22.31 34.33
CA ILE F 88 0.89 -21.41 35.37
C ILE F 88 -0.27 -21.09 36.30
N TYR F 89 -0.21 -21.59 37.53
CA TYR F 89 -1.24 -21.38 38.55
C TYR F 89 -0.85 -20.14 39.35
N HIS F 90 -1.65 -19.08 39.28
CA HIS F 90 -1.43 -17.86 40.04
C HIS F 90 -2.34 -17.97 41.27
N THR F 91 -1.74 -18.27 42.44
CA THR F 91 -2.48 -18.55 43.67
C THR F 91 -2.26 -17.50 44.80
N TYR F 92 -3.25 -17.34 45.70
CA TYR F 92 -3.15 -16.44 46.85
C TYR F 92 -3.28 -17.28 48.15
N PRO F 93 -2.45 -17.07 49.20
CA PRO F 93 -1.32 -16.13 49.33
C PRO F 93 0.04 -16.63 48.82
N ASP F 94 0.12 -17.86 48.28
CA ASP F 94 1.40 -18.47 47.93
C ASP F 94 2.18 -17.76 46.81
N GLY F 95 1.55 -17.55 45.67
CA GLY F 95 2.18 -16.91 44.53
C GLY F 95 2.03 -17.74 43.28
N THR F 96 3.06 -17.73 42.42
CA THR F 96 3.03 -18.44 41.13
C THR F 96 3.64 -19.85 41.20
N TYR F 97 2.90 -20.85 40.71
CA TYR F 97 3.37 -22.24 40.58
C TYR F 97 3.39 -22.58 39.09
N THR F 98 4.43 -23.27 38.60
CA THR F 98 4.59 -23.63 37.18
C THR F 98 4.65 -25.15 36.98
N GLY F 99 3.99 -25.63 35.92
CA GLY F 99 4.00 -27.02 35.48
C GLY F 99 4.35 -27.12 34.01
N ARG F 100 4.93 -28.25 33.56
CA ARG F 100 5.33 -28.42 32.16
C ARG F 100 4.90 -29.78 31.60
N ILE F 101 4.42 -29.78 30.33
CA ILE F 101 3.97 -30.95 29.58
C ILE F 101 4.71 -30.94 28.25
N PHE F 102 5.33 -32.06 27.85
CA PHE F 102 5.98 -32.12 26.54
C PHE F 102 5.06 -32.90 25.61
N LEU F 103 4.59 -32.28 24.53
CA LEU F 103 3.72 -32.92 23.55
C LEU F 103 4.54 -33.21 22.29
N GLU F 104 4.39 -34.41 21.74
CA GLU F 104 5.06 -34.79 20.51
C GLU F 104 4.04 -35.33 19.52
N VAL F 105 3.70 -34.54 18.50
CA VAL F 105 2.78 -34.98 17.45
C VAL F 105 3.63 -35.69 16.37
N LEU F 106 3.08 -36.76 15.79
CA LEU F 106 3.77 -37.56 14.77
C LEU F 106 2.89 -37.76 13.53
N GLU F 107 3.51 -38.17 12.42
CA GLU F 107 2.81 -38.42 11.16
C GLU F 107 3.13 -39.86 10.72
#